data_1MHX
# 
_entry.id   1MHX 
# 
_audit_conform.dict_name       mmcif_pdbx.dic 
_audit_conform.dict_version    5.386 
_audit_conform.dict_location   http://mmcif.pdb.org/dictionaries/ascii/mmcif_pdbx.dic 
# 
loop_
_database_2.database_id 
_database_2.database_code 
_database_2.pdbx_database_accession 
_database_2.pdbx_DOI 
PDB   1MHX         pdb_00001mhx 10.2210/pdb1mhx/pdb 
RCSB  RCSB016923   ?            ?                   
WWPDB D_1000016923 ?            ?                   
# 
loop_
_pdbx_audit_revision_history.ordinal 
_pdbx_audit_revision_history.data_content_type 
_pdbx_audit_revision_history.major_revision 
_pdbx_audit_revision_history.minor_revision 
_pdbx_audit_revision_history.revision_date 
1 'Structure model' 1 0 2002-09-18 
2 'Structure model' 1 1 2008-04-28 
3 'Structure model' 1 2 2011-07-13 
4 'Structure model' 1 3 2021-10-27 
5 'Structure model' 1 4 2024-02-14 
# 
_pdbx_audit_revision_details.ordinal             1 
_pdbx_audit_revision_details.revision_ordinal    1 
_pdbx_audit_revision_details.data_content_type   'Structure model' 
_pdbx_audit_revision_details.provider            repository 
_pdbx_audit_revision_details.type                'Initial release' 
_pdbx_audit_revision_details.description         ? 
_pdbx_audit_revision_details.details             ? 
# 
loop_
_pdbx_audit_revision_group.ordinal 
_pdbx_audit_revision_group.revision_ordinal 
_pdbx_audit_revision_group.data_content_type 
_pdbx_audit_revision_group.group 
1 2 'Structure model' 'Version format compliance' 
2 3 'Structure model' 'Source and taxonomy'       
3 3 'Structure model' 'Version format compliance' 
4 4 'Structure model' 'Database references'       
5 5 'Structure model' 'Data collection'           
6 5 'Structure model' 'Refinement description'    
# 
loop_
_pdbx_audit_revision_category.ordinal 
_pdbx_audit_revision_category.revision_ordinal 
_pdbx_audit_revision_category.data_content_type 
_pdbx_audit_revision_category.category 
1 4 'Structure model' database_2                    
2 4 'Structure model' struct_ref_seq_dif            
3 5 'Structure model' chem_comp_atom                
4 5 'Structure model' chem_comp_bond                
5 5 'Structure model' pdbx_initial_refinement_model 
# 
loop_
_pdbx_audit_revision_item.ordinal 
_pdbx_audit_revision_item.revision_ordinal 
_pdbx_audit_revision_item.data_content_type 
_pdbx_audit_revision_item.item 
1 4 'Structure model' '_database_2.pdbx_DOI'                
2 4 'Structure model' '_database_2.pdbx_database_accession' 
3 4 'Structure model' '_struct_ref_seq_dif.details'         
# 
_pdbx_database_status.status_code                     REL 
_pdbx_database_status.entry_id                        1MHX 
_pdbx_database_status.recvd_initial_deposition_date   2002-08-21 
_pdbx_database_status.deposit_site                    RCSB 
_pdbx_database_status.process_site                    RCSB 
_pdbx_database_status.status_code_sf                  REL 
_pdbx_database_status.SG_entry                        . 
_pdbx_database_status.pdb_format_compatible           Y 
_pdbx_database_status.status_code_mr                  ? 
_pdbx_database_status.status_code_cs                  ? 
_pdbx_database_status.status_code_nmr_data            ? 
_pdbx_database_status.methods_development_category    ? 
# 
_pdbx_database_related.db_name        PDB 
_pdbx_database_related.db_id          1MI0 
_pdbx_database_related.details        'Crystal Structure of the redesigned protein G variant NuG2' 
_pdbx_database_related.content_type   unspecified 
# 
loop_
_audit_author.name 
_audit_author.pdbx_ordinal 
'Nauli, S.'      1 
'Kuhlman, B.'    2 
'Le Trong, I.'   3 
'Stenkamp, R.E.' 4 
'Teller, D.C.'   5 
'Baker, D.'      6 
# 
_citation.id                        primary 
_citation.title                     
'Crystal structures and increased stabilization of the protein G variants with switched folding pathways NuG1 and NuG2' 
_citation.journal_abbrev            'Protein Sci.' 
_citation.journal_volume            11 
_citation.page_first                2924 
_citation.page_last                 2931 
_citation.year                      2002 
_citation.journal_id_ASTM           PRCIEI 
_citation.country                   US 
_citation.journal_id_ISSN           0961-8368 
_citation.journal_id_CSD            0795 
_citation.book_publisher            ? 
_citation.pdbx_database_id_PubMed   12441390 
_citation.pdbx_database_id_DOI      10.1110/ps.0216902 
# 
loop_
_citation_author.citation_id 
_citation_author.name 
_citation_author.ordinal 
_citation_author.identifier_ORCID 
primary 'Nauli, S.'      1 ? 
primary 'Kuhlman, B.'    2 ? 
primary 'Le Trong, I.'   3 ? 
primary 'Stenkamp, R.E.' 4 ? 
primary 'Teller, D.C.'   5 ? 
primary 'Baker, D.'      6 ? 
# 
loop_
_entity.id 
_entity.type 
_entity.src_method 
_entity.pdbx_description 
_entity.formula_weight 
_entity.pdbx_number_of_molecules 
_entity.pdbx_ec 
_entity.pdbx_mutation 
_entity.pdbx_fragment 
_entity.details 
1 polymer man 'immunoglobulin-binding protein G' 7359.115 1  ? T58A 'Redesigned B1 domain' 
'Redesigned first beta-hairpin, variant NuG1' 
2 water   nat water                              18.015   87 ? ?    ?                      ? 
# 
_entity_poly.entity_id                      1 
_entity_poly.type                           'polypeptide(L)' 
_entity_poly.nstd_linkage                   no 
_entity_poly.nstd_monomer                   no 
_entity_poly.pdbx_seq_one_letter_code       MHHHHHHAMDTYKLFIVIGDRVVVVTTEAVDAATAEKVFKQYANDNGVDGEWTYDDAAKTFTVTE 
_entity_poly.pdbx_seq_one_letter_code_can   MHHHHHHAMDTYKLFIVIGDRVVVVTTEAVDAATAEKVFKQYANDNGVDGEWTYDDAAKTFTVTE 
_entity_poly.pdbx_strand_id                 A 
_entity_poly.pdbx_target_identifier         ? 
# 
_pdbx_entity_nonpoly.entity_id   2 
_pdbx_entity_nonpoly.name        water 
_pdbx_entity_nonpoly.comp_id     HOH 
# 
loop_
_entity_poly_seq.entity_id 
_entity_poly_seq.num 
_entity_poly_seq.mon_id 
_entity_poly_seq.hetero 
1 1  MET n 
1 2  HIS n 
1 3  HIS n 
1 4  HIS n 
1 5  HIS n 
1 6  HIS n 
1 7  HIS n 
1 8  ALA n 
1 9  MET n 
1 10 ASP n 
1 11 THR n 
1 12 TYR n 
1 13 LYS n 
1 14 LEU n 
1 15 PHE n 
1 16 ILE n 
1 17 VAL n 
1 18 ILE n 
1 19 GLY n 
1 20 ASP n 
1 21 ARG n 
1 22 VAL n 
1 23 VAL n 
1 24 VAL n 
1 25 VAL n 
1 26 THR n 
1 27 THR n 
1 28 GLU n 
1 29 ALA n 
1 30 VAL n 
1 31 ASP n 
1 32 ALA n 
1 33 ALA n 
1 34 THR n 
1 35 ALA n 
1 36 GLU n 
1 37 LYS n 
1 38 VAL n 
1 39 PHE n 
1 40 LYS n 
1 41 GLN n 
1 42 TYR n 
1 43 ALA n 
1 44 ASN n 
1 45 ASP n 
1 46 ASN n 
1 47 GLY n 
1 48 VAL n 
1 49 ASP n 
1 50 GLY n 
1 51 GLU n 
1 52 TRP n 
1 53 THR n 
1 54 TYR n 
1 55 ASP n 
1 56 ASP n 
1 57 ALA n 
1 58 ALA n 
1 59 LYS n 
1 60 THR n 
1 61 PHE n 
1 62 THR n 
1 63 VAL n 
1 64 THR n 
1 65 GLU n 
# 
_entity_src_gen.entity_id                          1 
_entity_src_gen.pdbx_src_id                        1 
_entity_src_gen.pdbx_alt_source_flag               sample 
_entity_src_gen.pdbx_seq_type                      ? 
_entity_src_gen.pdbx_beg_seq_num                   ? 
_entity_src_gen.pdbx_end_seq_num                   ? 
_entity_src_gen.gene_src_common_name               ? 
_entity_src_gen.gene_src_genus                     Finegoldia 
_entity_src_gen.pdbx_gene_src_gene                 ? 
_entity_src_gen.gene_src_species                   'Finegoldia magna' 
_entity_src_gen.gene_src_strain                    'ATCC 29328' 
_entity_src_gen.gene_src_tissue                    ? 
_entity_src_gen.gene_src_tissue_fraction           ? 
_entity_src_gen.gene_src_details                   ? 
_entity_src_gen.pdbx_gene_src_fragment             ? 
_entity_src_gen.pdbx_gene_src_scientific_name      'Finegoldia magna' 
_entity_src_gen.pdbx_gene_src_ncbi_taxonomy_id     334413 
_entity_src_gen.pdbx_gene_src_variant              ? 
_entity_src_gen.pdbx_gene_src_cell_line            ? 
_entity_src_gen.pdbx_gene_src_atcc                 ? 
_entity_src_gen.pdbx_gene_src_organ                ? 
_entity_src_gen.pdbx_gene_src_organelle            ? 
_entity_src_gen.pdbx_gene_src_cell                 ? 
_entity_src_gen.pdbx_gene_src_cellular_location    ? 
_entity_src_gen.host_org_common_name               ? 
_entity_src_gen.pdbx_host_org_scientific_name      'Escherichia coli' 
_entity_src_gen.pdbx_host_org_ncbi_taxonomy_id     562 
_entity_src_gen.host_org_genus                     Escherichia 
_entity_src_gen.pdbx_host_org_gene                 ? 
_entity_src_gen.pdbx_host_org_organ                ? 
_entity_src_gen.host_org_species                   ? 
_entity_src_gen.pdbx_host_org_tissue               ? 
_entity_src_gen.pdbx_host_org_tissue_fraction      ? 
_entity_src_gen.pdbx_host_org_strain               ? 
_entity_src_gen.pdbx_host_org_variant              ? 
_entity_src_gen.pdbx_host_org_cell_line            ? 
_entity_src_gen.pdbx_host_org_atcc                 ? 
_entity_src_gen.pdbx_host_org_culture_collection   ? 
_entity_src_gen.pdbx_host_org_cell                 ? 
_entity_src_gen.pdbx_host_org_organelle            ? 
_entity_src_gen.pdbx_host_org_cellular_location    ? 
_entity_src_gen.pdbx_host_org_vector_type          ? 
_entity_src_gen.pdbx_host_org_vector               ? 
_entity_src_gen.host_org_details                   ? 
_entity_src_gen.expression_system_id               ? 
_entity_src_gen.plasmid_name                       ? 
_entity_src_gen.plasmid_details                    ? 
_entity_src_gen.pdbx_description                   ? 
# 
loop_
_chem_comp.id 
_chem_comp.type 
_chem_comp.mon_nstd_flag 
_chem_comp.name 
_chem_comp.pdbx_synonyms 
_chem_comp.formula 
_chem_comp.formula_weight 
ALA 'L-peptide linking' y ALANINE         ? 'C3 H7 N O2'     89.093  
ARG 'L-peptide linking' y ARGININE        ? 'C6 H15 N4 O2 1' 175.209 
ASN 'L-peptide linking' y ASPARAGINE      ? 'C4 H8 N2 O3'    132.118 
ASP 'L-peptide linking' y 'ASPARTIC ACID' ? 'C4 H7 N O4'     133.103 
GLN 'L-peptide linking' y GLUTAMINE       ? 'C5 H10 N2 O3'   146.144 
GLU 'L-peptide linking' y 'GLUTAMIC ACID' ? 'C5 H9 N O4'     147.129 
GLY 'peptide linking'   y GLYCINE         ? 'C2 H5 N O2'     75.067  
HIS 'L-peptide linking' y HISTIDINE       ? 'C6 H10 N3 O2 1' 156.162 
HOH non-polymer         . WATER           ? 'H2 O'           18.015  
ILE 'L-peptide linking' y ISOLEUCINE      ? 'C6 H13 N O2'    131.173 
LEU 'L-peptide linking' y LEUCINE         ? 'C6 H13 N O2'    131.173 
LYS 'L-peptide linking' y LYSINE          ? 'C6 H15 N2 O2 1' 147.195 
MET 'L-peptide linking' y METHIONINE      ? 'C5 H11 N O2 S'  149.211 
PHE 'L-peptide linking' y PHENYLALANINE   ? 'C9 H11 N O2'    165.189 
THR 'L-peptide linking' y THREONINE       ? 'C4 H9 N O3'     119.119 
TRP 'L-peptide linking' y TRYPTOPHAN      ? 'C11 H12 N2 O2'  204.225 
TYR 'L-peptide linking' y TYROSINE        ? 'C9 H11 N O3'    181.189 
VAL 'L-peptide linking' y VALINE          ? 'C5 H11 N O2'    117.146 
# 
loop_
_pdbx_poly_seq_scheme.asym_id 
_pdbx_poly_seq_scheme.entity_id 
_pdbx_poly_seq_scheme.seq_id 
_pdbx_poly_seq_scheme.mon_id 
_pdbx_poly_seq_scheme.ndb_seq_num 
_pdbx_poly_seq_scheme.pdb_seq_num 
_pdbx_poly_seq_scheme.auth_seq_num 
_pdbx_poly_seq_scheme.pdb_mon_id 
_pdbx_poly_seq_scheme.auth_mon_id 
_pdbx_poly_seq_scheme.pdb_strand_id 
_pdbx_poly_seq_scheme.pdb_ins_code 
_pdbx_poly_seq_scheme.hetero 
A 1 1  MET 1  1  1  MET ALA A . n 
A 1 2  HIS 2  2  2  HIS HIS A . n 
A 1 3  HIS 3  3  3  HIS HIS A . n 
A 1 4  HIS 4  4  4  HIS HIS A . n 
A 1 5  HIS 5  5  5  HIS HIS A . n 
A 1 6  HIS 6  6  6  HIS HIS A . n 
A 1 7  HIS 7  7  7  HIS HIS A . n 
A 1 8  ALA 8  8  8  ALA ALA A . n 
A 1 9  MET 9  9  9  MET MET A . n 
A 1 10 ASP 10 10 10 ASP ASP A . n 
A 1 11 THR 11 11 11 THR THR A . n 
A 1 12 TYR 12 12 12 TYR TYR A . n 
A 1 13 LYS 13 13 13 LYS ALA A . n 
A 1 14 LEU 14 14 14 LEU LEU A . n 
A 1 15 PHE 15 15 15 PHE PHE A . n 
A 1 16 ILE 16 16 16 ILE ILE A . n 
A 1 17 VAL 17 17 17 VAL VAL A . n 
A 1 18 ILE 18 18 18 ILE ILE A . n 
A 1 19 GLY 19 19 19 GLY GLY A . n 
A 1 20 ASP 20 20 20 ASP ASP A . n 
A 1 21 ARG 21 21 21 ARG ARG A . n 
A 1 22 VAL 22 22 22 VAL VAL A . n 
A 1 23 VAL 23 23 23 VAL VAL A . n 
A 1 24 VAL 24 24 24 VAL VAL A . n 
A 1 25 VAL 25 25 25 VAL VAL A . n 
A 1 26 THR 26 26 26 THR THR A . n 
A 1 27 THR 27 27 27 THR THR A . n 
A 1 28 GLU 28 28 28 GLU GLU A . n 
A 1 29 ALA 29 29 29 ALA ALA A . n 
A 1 30 VAL 30 30 30 VAL VAL A . n 
A 1 31 ASP 31 31 31 ASP ASP A . n 
A 1 32 ALA 32 32 32 ALA ALA A . n 
A 1 33 ALA 33 33 33 ALA ALA A . n 
A 1 34 THR 34 34 34 THR THR A . n 
A 1 35 ALA 35 35 35 ALA ALA A . n 
A 1 36 GLU 36 36 36 GLU GLU A . n 
A 1 37 LYS 37 37 37 LYS LYS A . n 
A 1 38 VAL 38 38 38 VAL VAL A . n 
A 1 39 PHE 39 39 39 PHE PHE A . n 
A 1 40 LYS 40 40 40 LYS ALA A . n 
A 1 41 GLN 41 41 41 GLN GLN A . n 
A 1 42 TYR 42 42 42 TYR TYR A . n 
A 1 43 ALA 43 43 43 ALA ALA A . n 
A 1 44 ASN 44 44 44 ASN ASN A . n 
A 1 45 ASP 45 45 45 ASP ASP A . n 
A 1 46 ASN 46 46 46 ASN ASN A . n 
A 1 47 GLY 47 47 47 GLY GLY A . n 
A 1 48 VAL 48 48 48 VAL VAL A . n 
A 1 49 ASP 49 49 49 ASP ASP A . n 
A 1 50 GLY 50 50 50 GLY GLY A . n 
A 1 51 GLU 51 51 51 GLU GLU A . n 
A 1 52 TRP 52 52 52 TRP TRP A . n 
A 1 53 THR 53 53 53 THR THR A . n 
A 1 54 TYR 54 54 54 TYR TYR A . n 
A 1 55 ASP 55 55 55 ASP ASP A . n 
A 1 56 ASP 56 56 56 ASP ASP A . n 
A 1 57 ALA 57 57 57 ALA ALA A . n 
A 1 58 ALA 58 58 58 ALA ALA A . n 
A 1 59 LYS 59 59 59 LYS LYS A . n 
A 1 60 THR 60 60 60 THR THR A . n 
A 1 61 PHE 61 61 61 PHE PHE A . n 
A 1 62 THR 62 62 62 THR THR A . n 
A 1 63 VAL 63 63 63 VAL VAL A . n 
A 1 64 THR 64 64 64 THR THR A . n 
A 1 65 GLU 65 65 65 GLU ALA A . n 
# 
loop_
_pdbx_nonpoly_scheme.asym_id 
_pdbx_nonpoly_scheme.entity_id 
_pdbx_nonpoly_scheme.mon_id 
_pdbx_nonpoly_scheme.ndb_seq_num 
_pdbx_nonpoly_scheme.pdb_seq_num 
_pdbx_nonpoly_scheme.auth_seq_num 
_pdbx_nonpoly_scheme.pdb_mon_id 
_pdbx_nonpoly_scheme.auth_mon_id 
_pdbx_nonpoly_scheme.pdb_strand_id 
_pdbx_nonpoly_scheme.pdb_ins_code 
B 2 HOH 1  66  1   HOH HOH A . 
B 2 HOH 2  67  2   HOH HOH A . 
B 2 HOH 3  68  3   HOH HOH A . 
B 2 HOH 4  69  4   HOH HOH A . 
B 2 HOH 5  70  5   HOH HOH A . 
B 2 HOH 6  71  6   HOH HOH A . 
B 2 HOH 7  72  7   HOH HOH A . 
B 2 HOH 8  73  8   HOH HOH A . 
B 2 HOH 9  74  9   HOH HOH A . 
B 2 HOH 10 75  10  HOH HOH A . 
B 2 HOH 11 76  11  HOH HOH A . 
B 2 HOH 12 77  12  HOH HOH A . 
B 2 HOH 13 78  13  HOH HOH A . 
B 2 HOH 14 79  14  HOH HOH A . 
B 2 HOH 15 80  15  HOH HOH A . 
B 2 HOH 16 81  16  HOH HOH A . 
B 2 HOH 17 82  17  HOH HOH A . 
B 2 HOH 18 83  18  HOH HOH A . 
B 2 HOH 19 84  21  HOH HOH A . 
B 2 HOH 20 85  22  HOH HOH A . 
B 2 HOH 21 86  24  HOH HOH A . 
B 2 HOH 22 87  25  HOH HOH A . 
B 2 HOH 23 88  27  HOH HOH A . 
B 2 HOH 24 89  28  HOH HOH A . 
B 2 HOH 25 90  29  HOH HOH A . 
B 2 HOH 26 91  31  HOH HOH A . 
B 2 HOH 27 92  32  HOH HOH A . 
B 2 HOH 28 93  33  HOH HOH A . 
B 2 HOH 29 94  35  HOH HOH A . 
B 2 HOH 30 95  36  HOH HOH A . 
B 2 HOH 31 96  37  HOH HOH A . 
B 2 HOH 32 97  38  HOH HOH A . 
B 2 HOH 33 98  39  HOH HOH A . 
B 2 HOH 34 99  41  HOH HOH A . 
B 2 HOH 35 100 42  HOH HOH A . 
B 2 HOH 36 101 43  HOH HOH A . 
B 2 HOH 37 102 44  HOH HOH A . 
B 2 HOH 38 103 45  HOH HOH A . 
B 2 HOH 39 104 46  HOH HOH A . 
B 2 HOH 40 105 47  HOH HOH A . 
B 2 HOH 41 106 48  HOH HOH A . 
B 2 HOH 42 107 49  HOH HOH A . 
B 2 HOH 43 108 50  HOH HOH A . 
B 2 HOH 44 109 51  HOH HOH A . 
B 2 HOH 45 110 52  HOH HOH A . 
B 2 HOH 46 111 54  HOH HOH A . 
B 2 HOH 47 112 55  HOH HOH A . 
B 2 HOH 48 113 56  HOH HOH A . 
B 2 HOH 49 114 57  HOH HOH A . 
B 2 HOH 50 115 58  HOH HOH A . 
B 2 HOH 51 116 59  HOH HOH A . 
B 2 HOH 52 117 60  HOH HOH A . 
B 2 HOH 53 118 62  HOH HOH A . 
B 2 HOH 54 119 68  HOH HOH A . 
B 2 HOH 55 120 69  HOH HOH A . 
B 2 HOH 56 121 70  HOH HOH A . 
B 2 HOH 57 122 71  HOH HOH A . 
B 2 HOH 58 123 73  HOH HOH A . 
B 2 HOH 59 124 74  HOH HOH A . 
B 2 HOH 60 125 76  HOH HOH A . 
B 2 HOH 61 126 78  HOH HOH A . 
B 2 HOH 62 127 79  HOH HOH A . 
B 2 HOH 63 128 80  HOH HOH A . 
B 2 HOH 64 129 81  HOH HOH A . 
B 2 HOH 65 130 82  HOH HOH A . 
B 2 HOH 66 131 83  HOH HOH A . 
B 2 HOH 67 132 84  HOH HOH A . 
B 2 HOH 68 133 86  HOH HOH A . 
B 2 HOH 69 134 88  HOH HOH A . 
B 2 HOH 70 135 90  HOH HOH A . 
B 2 HOH 71 136 91  HOH HOH A . 
B 2 HOH 72 137 92  HOH HOH A . 
B 2 HOH 73 138 93  HOH HOH A . 
B 2 HOH 74 139 95  HOH HOH A . 
B 2 HOH 75 140 98  HOH HOH A . 
B 2 HOH 76 141 99  HOH HOH A . 
B 2 HOH 77 142 102 HOH HOH A . 
B 2 HOH 78 143 103 HOH HOH A . 
B 2 HOH 79 144 104 HOH HOH A . 
B 2 HOH 80 145 106 HOH HOH A . 
B 2 HOH 81 146 107 HOH HOH A . 
B 2 HOH 82 147 108 HOH HOH A . 
B 2 HOH 83 148 109 HOH HOH A . 
B 2 HOH 84 149 111 HOH HOH A . 
B 2 HOH 85 150 112 HOH HOH A . 
B 2 HOH 86 151 113 HOH HOH A . 
B 2 HOH 87 152 114 HOH HOH A . 
# 
loop_
_pdbx_unobs_or_zero_occ_atoms.id 
_pdbx_unobs_or_zero_occ_atoms.PDB_model_num 
_pdbx_unobs_or_zero_occ_atoms.polymer_flag 
_pdbx_unobs_or_zero_occ_atoms.occupancy_flag 
_pdbx_unobs_or_zero_occ_atoms.auth_asym_id 
_pdbx_unobs_or_zero_occ_atoms.auth_comp_id 
_pdbx_unobs_or_zero_occ_atoms.auth_seq_id 
_pdbx_unobs_or_zero_occ_atoms.PDB_ins_code 
_pdbx_unobs_or_zero_occ_atoms.auth_atom_id 
_pdbx_unobs_or_zero_occ_atoms.label_alt_id 
_pdbx_unobs_or_zero_occ_atoms.label_asym_id 
_pdbx_unobs_or_zero_occ_atoms.label_comp_id 
_pdbx_unobs_or_zero_occ_atoms.label_seq_id 
_pdbx_unobs_or_zero_occ_atoms.label_atom_id 
1  1 Y 1 A MET 1  ? CG  ? A MET 1  CG  
2  1 Y 1 A MET 1  ? SD  ? A MET 1  SD  
3  1 Y 1 A MET 1  ? CE  ? A MET 1  CE  
4  1 Y 1 A LYS 13 ? CG  ? A LYS 13 CG  
5  1 Y 1 A LYS 13 ? CD  ? A LYS 13 CD  
6  1 Y 1 A LYS 13 ? CE  ? A LYS 13 CE  
7  1 Y 1 A LYS 13 ? NZ  ? A LYS 13 NZ  
8  1 Y 1 A LYS 40 ? CG  ? A LYS 40 CG  
9  1 Y 1 A LYS 40 ? CD  ? A LYS 40 CD  
10 1 Y 1 A LYS 40 ? CE  ? A LYS 40 CE  
11 1 Y 1 A LYS 40 ? NZ  ? A LYS 40 NZ  
12 1 Y 1 A GLU 65 ? CG  ? A GLU 65 CG  
13 1 Y 1 A GLU 65 ? CD  ? A GLU 65 CD  
14 1 Y 1 A GLU 65 ? OE1 ? A GLU 65 OE1 
15 1 Y 1 A GLU 65 ? OE2 ? A GLU 65 OE2 
# 
loop_
_software.name 
_software.classification 
_software.version 
_software.citation_id 
_software.pdbx_ordinal 
DENZO     'data reduction' .   ? 1 
SCALEPACK 'data scaling'   .   ? 2 
AMoRE     phasing          .   ? 3 
CNS       refinement       1.0 ? 4 
# 
_cell.entry_id           1MHX 
_cell.length_a           49.458 
_cell.length_b           49.458 
_cell.length_c           103.020 
_cell.angle_alpha        90.00 
_cell.angle_beta         90.00 
_cell.angle_gamma        90.00 
_cell.Z_PDB              16 
_cell.pdbx_unique_axis   ? 
# 
_symmetry.entry_id                         1MHX 
_symmetry.space_group_name_H-M             'I 4 2 2' 
_symmetry.pdbx_full_space_group_name_H-M   ? 
_symmetry.cell_setting                     ? 
_symmetry.Int_Tables_number                97 
# 
_exptl.entry_id          1MHX 
_exptl.method            'X-RAY DIFFRACTION' 
_exptl.crystals_number   1 
# 
_exptl_crystal.id                    1 
_exptl_crystal.density_meas          ? 
_exptl_crystal.density_percent_sol   42.53 
_exptl_crystal.density_Matthews      2.14 
_exptl_crystal.description           ? 
# 
_exptl_crystal_grow.crystal_id      1 
_exptl_crystal_grow.method          'VAPOR DIFFUSION, SITTING DROP' 
_exptl_crystal_grow.temp            295 
_exptl_crystal_grow.temp_details    ? 
_exptl_crystal_grow.pH              7.5 
_exptl_crystal_grow.pdbx_details    'n-propanol, sodium formate, tris-hcl, pH 7.5, VAPOR DIFFUSION, SITTING DROP, temperature 295K' 
_exptl_crystal_grow.pdbx_pH_range   . 
# 
_diffrn.id                     1 
_diffrn.ambient_temp           298 
_diffrn.ambient_temp_details   ? 
_diffrn.crystal_id             1 
# 
_diffrn_detector.diffrn_id              1 
_diffrn_detector.detector               CCD 
_diffrn_detector.type                   'ADSC QUANTUM 4' 
_diffrn_detector.pdbx_collection_date   2001-04-20 
_diffrn_detector.details                ? 
# 
_diffrn_radiation.diffrn_id                        1 
_diffrn_radiation.wavelength_id                    1 
_diffrn_radiation.pdbx_monochromatic_or_laue_m_l   M 
_diffrn_radiation.monochromator                    graphite 
_diffrn_radiation.pdbx_diffrn_protocol             'SINGLE WAVELENGTH' 
_diffrn_radiation.pdbx_scattering_type             x-ray 
# 
_diffrn_radiation_wavelength.id           1 
_diffrn_radiation_wavelength.wavelength   1.0 
_diffrn_radiation_wavelength.wt           1.0 
# 
_diffrn_source.diffrn_id                   1 
_diffrn_source.source                      SYNCHROTRON 
_diffrn_source.type                        'SSRL BEAMLINE BL9-1' 
_diffrn_source.pdbx_synchrotron_site       SSRL 
_diffrn_source.pdbx_synchrotron_beamline   BL9-1 
_diffrn_source.pdbx_wavelength             ? 
_diffrn_source.pdbx_wavelength_list        1.0 
# 
_reflns.entry_id                     1MHX 
_reflns.observed_criterion_sigma_F   2.0 
_reflns.observed_criterion_sigma_I   2.2 
_reflns.d_resolution_high            1.8 
_reflns.d_resolution_low             22.3 
_reflns.number_all                   ? 
_reflns.number_obs                   6273 
_reflns.percent_possible_obs         95.4 
_reflns.pdbx_Rmerge_I_obs            ? 
_reflns.pdbx_Rsym_value              ? 
_reflns.pdbx_netI_over_sigmaI        ? 
_reflns.B_iso_Wilson_estimate        ? 
_reflns.pdbx_redundancy              ? 
_reflns.R_free_details               ? 
_reflns.limit_h_max                  ? 
_reflns.limit_h_min                  ? 
_reflns.limit_k_max                  ? 
_reflns.limit_k_min                  ? 
_reflns.limit_l_max                  ? 
_reflns.limit_l_min                  ? 
_reflns.observed_criterion_F_max     ? 
_reflns.observed_criterion_F_min     ? 
_reflns.pdbx_ordinal                 1 
_reflns.pdbx_diffrn_id               1 
# 
_reflns_shell.d_res_high             1.8 
_reflns_shell.d_res_low              1.86 
_reflns_shell.percent_possible_all   92.5 
_reflns_shell.Rmerge_I_obs           ? 
_reflns_shell.pdbx_Rsym_value        ? 
_reflns_shell.meanI_over_sigI_obs    ? 
_reflns_shell.pdbx_redundancy        ? 
_reflns_shell.percent_possible_obs   ? 
_reflns_shell.number_unique_all      ? 
_reflns_shell.pdbx_ordinal           1 
_reflns_shell.pdbx_diffrn_id         1 
# 
_refine.entry_id                                 1MHX 
_refine.ls_d_res_high                            1.8 
_refine.ls_d_res_low                             22.3 
_refine.pdbx_ls_sigma_F                          2.0 
_refine.pdbx_ls_sigma_I                          ? 
_refine.ls_number_reflns_all                     6273 
_refine.ls_number_reflns_obs                     5900 
_refine.ls_number_reflns_R_free                  267 
_refine.ls_percent_reflns_obs                    ? 
_refine.ls_R_factor_all                          0.268 
_refine.ls_R_factor_obs                          0.261 
_refine.ls_R_factor_R_work                       0.212 
_refine.ls_R_factor_R_free                       0.225 
_refine.ls_redundancy_reflns_obs                 ? 
_refine.pdbx_data_cutoff_high_absF               ? 
_refine.pdbx_data_cutoff_low_absF                ? 
_refine.ls_number_parameters                     ? 
_refine.ls_number_restraints                     ? 
_refine.ls_percent_reflns_R_free                 ? 
_refine.ls_R_factor_R_free_error                 ? 
_refine.ls_R_factor_R_free_error_details         ? 
_refine.pdbx_method_to_determine_struct          'MOLECULAR REPLACEMENT' 
_refine.pdbx_starting_model                      'pdb entry 1pga' 
_refine.pdbx_ls_cross_valid_method               ? 
_refine.pdbx_R_Free_selection_details            random 
_refine.pdbx_stereochem_target_val_spec_case     ? 
_refine.pdbx_stereochemistry_target_values       ? 
_refine.solvent_model_details                    ? 
_refine.solvent_model_param_bsol                 ? 
_refine.solvent_model_param_ksol                 ? 
_refine.occupancy_max                            ? 
_refine.occupancy_min                            ? 
_refine.pdbx_isotropic_thermal_model             ? 
_refine.B_iso_mean                               ? 
_refine.aniso_B[1][1]                            ? 
_refine.aniso_B[1][2]                            ? 
_refine.aniso_B[1][3]                            ? 
_refine.aniso_B[2][2]                            ? 
_refine.aniso_B[2][3]                            ? 
_refine.aniso_B[3][3]                            ? 
_refine.details                                  ? 
_refine.B_iso_min                                ? 
_refine.B_iso_max                                ? 
_refine.correlation_coeff_Fo_to_Fc               ? 
_refine.correlation_coeff_Fo_to_Fc_free          ? 
_refine.pdbx_solvent_vdw_probe_radii             ? 
_refine.pdbx_solvent_ion_probe_radii             ? 
_refine.pdbx_solvent_shrinkage_radii             ? 
_refine.overall_SU_R_Cruickshank_DPI             ? 
_refine.overall_SU_R_free                        ? 
_refine.overall_SU_B                             ? 
_refine.overall_SU_ML                            ? 
_refine.pdbx_overall_ESU_R                       ? 
_refine.pdbx_overall_ESU_R_Free                  ? 
_refine.pdbx_data_cutoff_high_rms_absF           ? 
_refine.pdbx_refine_id                           'X-RAY DIFFRACTION' 
_refine.pdbx_diffrn_id                           1 
_refine.pdbx_TLS_residual_ADP_flag               ? 
_refine.pdbx_overall_phase_error                 ? 
_refine.pdbx_overall_SU_R_free_Cruickshank_DPI   ? 
_refine.pdbx_overall_SU_R_Blow_DPI               ? 
_refine.pdbx_overall_SU_R_free_Blow_DPI          ? 
# 
_refine_hist.pdbx_refine_id                   'X-RAY DIFFRACTION' 
_refine_hist.cycle_id                         LAST 
_refine_hist.pdbx_number_atoms_protein        504 
_refine_hist.pdbx_number_atoms_nucleic_acid   0 
_refine_hist.pdbx_number_atoms_ligand         0 
_refine_hist.number_atoms_solvent             87 
_refine_hist.number_atoms_total               591 
_refine_hist.d_res_high                       1.8 
_refine_hist.d_res_low                        22.3 
# 
loop_
_refine_ls_restr.type 
_refine_ls_restr.dev_ideal 
_refine_ls_restr.dev_ideal_target 
_refine_ls_restr.weight 
_refine_ls_restr.number 
_refine_ls_restr.pdbx_refine_id 
_refine_ls_restr.pdbx_restraint_function 
x_bond_d    .006 ? ? ? 'X-RAY DIFFRACTION' ? 
x_angle_deg 1.3  ? ? ? 'X-RAY DIFFRACTION' ? 
# 
_struct.entry_id                  1MHX 
_struct.title                     'Crystal Structures of the redesigned protein G variant NuG1' 
_struct.pdbx_model_details        ? 
_struct.pdbx_CASP_flag            ? 
_struct.pdbx_model_type_details   ? 
# 
_struct_keywords.entry_id        1MHX 
_struct_keywords.pdbx_keywords   'IMMUNE SYSTEM' 
_struct_keywords.text            'alpha-beta protein, redesigned first beta-hairpin, IMMUNE SYSTEM' 
# 
loop_
_struct_asym.id 
_struct_asym.pdbx_blank_PDB_chainid_flag 
_struct_asym.pdbx_modified 
_struct_asym.entity_id 
_struct_asym.details 
A N N 1 ? 
B N N 2 ? 
# 
_struct_ref.id                         1 
_struct_ref.db_name                    PIR 
_struct_ref.db_code                    A45063 
_struct_ref.entity_id                  1 
_struct_ref.pdbx_seq_one_letter_code   MDTYKLILNGKTLKGETTTEAVDAATAEKVFKQYANDNGVDGEWTYDDATKTFTVTE 
_struct_ref.pdbx_align_begin           328 
_struct_ref.pdbx_db_accession          A45063 
_struct_ref.pdbx_db_isoform            ? 
# 
_struct_ref_seq.align_id                      1 
_struct_ref_seq.ref_id                        1 
_struct_ref_seq.pdbx_PDB_id_code              1MHX 
_struct_ref_seq.pdbx_strand_id                A 
_struct_ref_seq.seq_align_beg                 9 
_struct_ref_seq.pdbx_seq_align_beg_ins_code   ? 
_struct_ref_seq.seq_align_end                 65 
_struct_ref_seq.pdbx_seq_align_end_ins_code   ? 
_struct_ref_seq.pdbx_db_accession             A45063 
_struct_ref_seq.db_align_beg                  328 
_struct_ref_seq.pdbx_db_align_beg_ins_code    ? 
_struct_ref_seq.db_align_end                  384 
_struct_ref_seq.pdbx_db_align_end_ins_code    ? 
_struct_ref_seq.pdbx_auth_seq_align_beg       9 
_struct_ref_seq.pdbx_auth_seq_align_end       65 
# 
loop_
_struct_ref_seq_dif.align_id 
_struct_ref_seq_dif.pdbx_pdb_id_code 
_struct_ref_seq_dif.mon_id 
_struct_ref_seq_dif.pdbx_pdb_strand_id 
_struct_ref_seq_dif.seq_num 
_struct_ref_seq_dif.pdbx_pdb_ins_code 
_struct_ref_seq_dif.pdbx_seq_db_name 
_struct_ref_seq_dif.pdbx_seq_db_accession_code 
_struct_ref_seq_dif.db_mon_id 
_struct_ref_seq_dif.pdbx_seq_db_seq_num 
_struct_ref_seq_dif.details 
_struct_ref_seq_dif.pdbx_auth_seq_num 
_struct_ref_seq_dif.pdbx_ordinal 
1 1MHX MET A 1  ? PIR A45063 ?   ?   'expression tag'      1  1  
1 1MHX HIS A 2  ? PIR A45063 ?   ?   'expression tag'      2  2  
1 1MHX HIS A 3  ? PIR A45063 ?   ?   'expression tag'      3  3  
1 1MHX HIS A 4  ? PIR A45063 ?   ?   'expression tag'      4  4  
1 1MHX HIS A 5  ? PIR A45063 ?   ?   'expression tag'      5  5  
1 1MHX HIS A 6  ? PIR A45063 ?   ?   'expression tag'      6  6  
1 1MHX HIS A 7  ? PIR A45063 ?   ?   'expression tag'      7  7  
1 1MHX ALA A 8  ? PIR A45063 ?   ?   'expression tag'      8  8  
1 1MHX PHE A 15 ? PIR A45063 ILE 334 'SEE REMARK 999'      15 9  
1 1MHX ILE A 16 ? PIR A45063 LEU 335 'SEE REMARK 999'      16 10 
1 1MHX VAL A 17 ? PIR A45063 ASN 336 'SEE REMARK 999'      17 11 
1 1MHX ILE A 18 ? PIR A45063 GLY 337 'SEE REMARK 999'      18 12 
1 1MHX GLY A 19 ? PIR A45063 LYS 338 'SEE REMARK 999'      19 13 
1 1MHX ASP A 20 ? PIR A45063 THR 339 'SEE REMARK 999'      20 14 
1 1MHX ARG A 21 ? PIR A45063 LEU 340 'SEE REMARK 999'      21 15 
1 1MHX VAL A 22 ? PIR A45063 LYS 341 'SEE REMARK 999'      22 16 
1 1MHX VAL A 23 ? PIR A45063 GLY 342 'SEE REMARK 999'      23 17 
1 1MHX VAL A 24 ? PIR A45063 GLU 343 'SEE REMARK 999'      24 18 
1 1MHX VAL A 25 ? PIR A45063 THR 344 'SEE REMARK 999'      25 19 
1 1MHX ALA A 58 ? PIR A45063 THR 377 'engineered mutation' 58 20 
# 
_pdbx_struct_assembly.id                   1 
_pdbx_struct_assembly.details              author_defined_assembly 
_pdbx_struct_assembly.method_details       ? 
_pdbx_struct_assembly.oligomeric_details   monomeric 
_pdbx_struct_assembly.oligomeric_count     1 
# 
_pdbx_struct_assembly_gen.assembly_id       1 
_pdbx_struct_assembly_gen.oper_expression   1 
_pdbx_struct_assembly_gen.asym_id_list      A,B 
# 
_pdbx_struct_oper_list.id                   1 
_pdbx_struct_oper_list.type                 'identity operation' 
_pdbx_struct_oper_list.name                 1_555 
_pdbx_struct_oper_list.symmetry_operation   x,y,z 
_pdbx_struct_oper_list.matrix[1][1]         1.0000000000 
_pdbx_struct_oper_list.matrix[1][2]         0.0000000000 
_pdbx_struct_oper_list.matrix[1][3]         0.0000000000 
_pdbx_struct_oper_list.vector[1]            0.0000000000 
_pdbx_struct_oper_list.matrix[2][1]         0.0000000000 
_pdbx_struct_oper_list.matrix[2][2]         1.0000000000 
_pdbx_struct_oper_list.matrix[2][3]         0.0000000000 
_pdbx_struct_oper_list.vector[2]            0.0000000000 
_pdbx_struct_oper_list.matrix[3][1]         0.0000000000 
_pdbx_struct_oper_list.matrix[3][2]         0.0000000000 
_pdbx_struct_oper_list.matrix[3][3]         1.0000000000 
_pdbx_struct_oper_list.vector[3]            0.0000000000 
# 
_struct_biol.id                    1 
_struct_biol.pdbx_parent_biol_id   ? 
_struct_biol.details               ? 
# 
_struct_conf.conf_type_id            HELX_P 
_struct_conf.id                      HELX_P1 
_struct_conf.pdbx_PDB_helix_id       1 
_struct_conf.beg_label_comp_id       ASP 
_struct_conf.beg_label_asym_id       A 
_struct_conf.beg_label_seq_id        31 
_struct_conf.pdbx_beg_PDB_ins_code   ? 
_struct_conf.end_label_comp_id       ASN 
_struct_conf.end_label_asym_id       A 
_struct_conf.end_label_seq_id        46 
_struct_conf.pdbx_end_PDB_ins_code   ? 
_struct_conf.beg_auth_comp_id        ASP 
_struct_conf.beg_auth_asym_id        A 
_struct_conf.beg_auth_seq_id         31 
_struct_conf.end_auth_comp_id        ASN 
_struct_conf.end_auth_asym_id        A 
_struct_conf.end_auth_seq_id         46 
_struct_conf.pdbx_PDB_helix_class    1 
_struct_conf.details                 ? 
_struct_conf.pdbx_PDB_helix_length   16 
# 
_struct_conf_type.id          HELX_P 
_struct_conf_type.criteria    ? 
_struct_conf_type.reference   ? 
# 
_struct_sheet.id               A 
_struct_sheet.type             ? 
_struct_sheet.number_strands   4 
_struct_sheet.details          ? 
# 
loop_
_struct_sheet_order.sheet_id 
_struct_sheet_order.range_id_1 
_struct_sheet_order.range_id_2 
_struct_sheet_order.offset 
_struct_sheet_order.sense 
A 1 2 ? anti-parallel 
A 2 3 ? parallel      
A 3 4 ? anti-parallel 
# 
loop_
_struct_sheet_range.sheet_id 
_struct_sheet_range.id 
_struct_sheet_range.beg_label_comp_id 
_struct_sheet_range.beg_label_asym_id 
_struct_sheet_range.beg_label_seq_id 
_struct_sheet_range.pdbx_beg_PDB_ins_code 
_struct_sheet_range.end_label_comp_id 
_struct_sheet_range.end_label_asym_id 
_struct_sheet_range.end_label_seq_id 
_struct_sheet_range.pdbx_end_PDB_ins_code 
_struct_sheet_range.beg_auth_comp_id 
_struct_sheet_range.beg_auth_asym_id 
_struct_sheet_range.beg_auth_seq_id 
_struct_sheet_range.end_auth_comp_id 
_struct_sheet_range.end_auth_asym_id 
_struct_sheet_range.end_auth_seq_id 
A 1 ARG A 21 ? ALA A 29 ? ARG A 21 ALA A 29 
A 2 ASP A 10 ? ILE A 18 ? ASP A 10 ILE A 18 
A 3 THR A 60 ? THR A 64 ? THR A 60 THR A 64 
A 4 GLU A 51 ? ASP A 55 ? GLU A 51 ASP A 55 
# 
loop_
_pdbx_struct_sheet_hbond.sheet_id 
_pdbx_struct_sheet_hbond.range_id_1 
_pdbx_struct_sheet_hbond.range_id_2 
_pdbx_struct_sheet_hbond.range_1_label_atom_id 
_pdbx_struct_sheet_hbond.range_1_label_comp_id 
_pdbx_struct_sheet_hbond.range_1_label_asym_id 
_pdbx_struct_sheet_hbond.range_1_label_seq_id 
_pdbx_struct_sheet_hbond.range_1_PDB_ins_code 
_pdbx_struct_sheet_hbond.range_1_auth_atom_id 
_pdbx_struct_sheet_hbond.range_1_auth_comp_id 
_pdbx_struct_sheet_hbond.range_1_auth_asym_id 
_pdbx_struct_sheet_hbond.range_1_auth_seq_id 
_pdbx_struct_sheet_hbond.range_2_label_atom_id 
_pdbx_struct_sheet_hbond.range_2_label_comp_id 
_pdbx_struct_sheet_hbond.range_2_label_asym_id 
_pdbx_struct_sheet_hbond.range_2_label_seq_id 
_pdbx_struct_sheet_hbond.range_2_PDB_ins_code 
_pdbx_struct_sheet_hbond.range_2_auth_atom_id 
_pdbx_struct_sheet_hbond.range_2_auth_comp_id 
_pdbx_struct_sheet_hbond.range_2_auth_asym_id 
_pdbx_struct_sheet_hbond.range_2_auth_seq_id 
A 1 2 O ALA A 29 ? O ALA A 29 N ASP A 10 ? N ASP A 10 
A 2 3 N PHE A 15 ? N PHE A 15 O PHE A 61 ? O PHE A 61 
A 3 4 O THR A 64 ? O THR A 64 N GLU A 51 ? N GLU A 51 
# 
_pdbx_validate_symm_contact.id                1 
_pdbx_validate_symm_contact.PDB_model_num     1 
_pdbx_validate_symm_contact.auth_atom_id_1    O 
_pdbx_validate_symm_contact.auth_asym_id_1    A 
_pdbx_validate_symm_contact.auth_comp_id_1    HOH 
_pdbx_validate_symm_contact.auth_seq_id_1     66 
_pdbx_validate_symm_contact.PDB_ins_code_1    ? 
_pdbx_validate_symm_contact.label_alt_id_1    ? 
_pdbx_validate_symm_contact.site_symmetry_1   1_555 
_pdbx_validate_symm_contact.auth_atom_id_2    O 
_pdbx_validate_symm_contact.auth_asym_id_2    A 
_pdbx_validate_symm_contact.auth_comp_id_2    HOH 
_pdbx_validate_symm_contact.auth_seq_id_2     66 
_pdbx_validate_symm_contact.PDB_ins_code_2    ? 
_pdbx_validate_symm_contact.label_alt_id_2    ? 
_pdbx_validate_symm_contact.site_symmetry_2   6_555 
_pdbx_validate_symm_contact.dist              2.00 
# 
_pdbx_struct_special_symmetry.id              1 
_pdbx_struct_special_symmetry.PDB_model_num   1 
_pdbx_struct_special_symmetry.auth_asym_id    A 
_pdbx_struct_special_symmetry.auth_comp_id    HOH 
_pdbx_struct_special_symmetry.auth_seq_id     142 
_pdbx_struct_special_symmetry.PDB_ins_code    ? 
_pdbx_struct_special_symmetry.label_asym_id   B 
_pdbx_struct_special_symmetry.label_comp_id   HOH 
_pdbx_struct_special_symmetry.label_seq_id    . 
# 
_pdbx_database_remark.id     999 
_pdbx_database_remark.text   
;SEQUENCE
THE SEQUENCE DIFFERS FROM PIR ENTRY A45063 
AT RESIDUES 15-25 (PIR RESIDUES 334-344) 
BECAUSE THE AUTHORS REDESIGNED THE FIRST
HAIRPIN.
;
# 
loop_
_chem_comp_atom.comp_id 
_chem_comp_atom.atom_id 
_chem_comp_atom.type_symbol 
_chem_comp_atom.pdbx_aromatic_flag 
_chem_comp_atom.pdbx_stereo_config 
_chem_comp_atom.pdbx_ordinal 
ALA N    N N N 1   
ALA CA   C N S 2   
ALA C    C N N 3   
ALA O    O N N 4   
ALA CB   C N N 5   
ALA OXT  O N N 6   
ALA H    H N N 7   
ALA H2   H N N 8   
ALA HA   H N N 9   
ALA HB1  H N N 10  
ALA HB2  H N N 11  
ALA HB3  H N N 12  
ALA HXT  H N N 13  
ARG N    N N N 14  
ARG CA   C N S 15  
ARG C    C N N 16  
ARG O    O N N 17  
ARG CB   C N N 18  
ARG CG   C N N 19  
ARG CD   C N N 20  
ARG NE   N N N 21  
ARG CZ   C N N 22  
ARG NH1  N N N 23  
ARG NH2  N N N 24  
ARG OXT  O N N 25  
ARG H    H N N 26  
ARG H2   H N N 27  
ARG HA   H N N 28  
ARG HB2  H N N 29  
ARG HB3  H N N 30  
ARG HG2  H N N 31  
ARG HG3  H N N 32  
ARG HD2  H N N 33  
ARG HD3  H N N 34  
ARG HE   H N N 35  
ARG HH11 H N N 36  
ARG HH12 H N N 37  
ARG HH21 H N N 38  
ARG HH22 H N N 39  
ARG HXT  H N N 40  
ASN N    N N N 41  
ASN CA   C N S 42  
ASN C    C N N 43  
ASN O    O N N 44  
ASN CB   C N N 45  
ASN CG   C N N 46  
ASN OD1  O N N 47  
ASN ND2  N N N 48  
ASN OXT  O N N 49  
ASN H    H N N 50  
ASN H2   H N N 51  
ASN HA   H N N 52  
ASN HB2  H N N 53  
ASN HB3  H N N 54  
ASN HD21 H N N 55  
ASN HD22 H N N 56  
ASN HXT  H N N 57  
ASP N    N N N 58  
ASP CA   C N S 59  
ASP C    C N N 60  
ASP O    O N N 61  
ASP CB   C N N 62  
ASP CG   C N N 63  
ASP OD1  O N N 64  
ASP OD2  O N N 65  
ASP OXT  O N N 66  
ASP H    H N N 67  
ASP H2   H N N 68  
ASP HA   H N N 69  
ASP HB2  H N N 70  
ASP HB3  H N N 71  
ASP HD2  H N N 72  
ASP HXT  H N N 73  
GLN N    N N N 74  
GLN CA   C N S 75  
GLN C    C N N 76  
GLN O    O N N 77  
GLN CB   C N N 78  
GLN CG   C N N 79  
GLN CD   C N N 80  
GLN OE1  O N N 81  
GLN NE2  N N N 82  
GLN OXT  O N N 83  
GLN H    H N N 84  
GLN H2   H N N 85  
GLN HA   H N N 86  
GLN HB2  H N N 87  
GLN HB3  H N N 88  
GLN HG2  H N N 89  
GLN HG3  H N N 90  
GLN HE21 H N N 91  
GLN HE22 H N N 92  
GLN HXT  H N N 93  
GLU N    N N N 94  
GLU CA   C N S 95  
GLU C    C N N 96  
GLU O    O N N 97  
GLU CB   C N N 98  
GLU CG   C N N 99  
GLU CD   C N N 100 
GLU OE1  O N N 101 
GLU OE2  O N N 102 
GLU OXT  O N N 103 
GLU H    H N N 104 
GLU H2   H N N 105 
GLU HA   H N N 106 
GLU HB2  H N N 107 
GLU HB3  H N N 108 
GLU HG2  H N N 109 
GLU HG3  H N N 110 
GLU HE2  H N N 111 
GLU HXT  H N N 112 
GLY N    N N N 113 
GLY CA   C N N 114 
GLY C    C N N 115 
GLY O    O N N 116 
GLY OXT  O N N 117 
GLY H    H N N 118 
GLY H2   H N N 119 
GLY HA2  H N N 120 
GLY HA3  H N N 121 
GLY HXT  H N N 122 
HIS N    N N N 123 
HIS CA   C N S 124 
HIS C    C N N 125 
HIS O    O N N 126 
HIS CB   C N N 127 
HIS CG   C Y N 128 
HIS ND1  N Y N 129 
HIS CD2  C Y N 130 
HIS CE1  C Y N 131 
HIS NE2  N Y N 132 
HIS OXT  O N N 133 
HIS H    H N N 134 
HIS H2   H N N 135 
HIS HA   H N N 136 
HIS HB2  H N N 137 
HIS HB3  H N N 138 
HIS HD1  H N N 139 
HIS HD2  H N N 140 
HIS HE1  H N N 141 
HIS HE2  H N N 142 
HIS HXT  H N N 143 
HOH O    O N N 144 
HOH H1   H N N 145 
HOH H2   H N N 146 
ILE N    N N N 147 
ILE CA   C N S 148 
ILE C    C N N 149 
ILE O    O N N 150 
ILE CB   C N S 151 
ILE CG1  C N N 152 
ILE CG2  C N N 153 
ILE CD1  C N N 154 
ILE OXT  O N N 155 
ILE H    H N N 156 
ILE H2   H N N 157 
ILE HA   H N N 158 
ILE HB   H N N 159 
ILE HG12 H N N 160 
ILE HG13 H N N 161 
ILE HG21 H N N 162 
ILE HG22 H N N 163 
ILE HG23 H N N 164 
ILE HD11 H N N 165 
ILE HD12 H N N 166 
ILE HD13 H N N 167 
ILE HXT  H N N 168 
LEU N    N N N 169 
LEU CA   C N S 170 
LEU C    C N N 171 
LEU O    O N N 172 
LEU CB   C N N 173 
LEU CG   C N N 174 
LEU CD1  C N N 175 
LEU CD2  C N N 176 
LEU OXT  O N N 177 
LEU H    H N N 178 
LEU H2   H N N 179 
LEU HA   H N N 180 
LEU HB2  H N N 181 
LEU HB3  H N N 182 
LEU HG   H N N 183 
LEU HD11 H N N 184 
LEU HD12 H N N 185 
LEU HD13 H N N 186 
LEU HD21 H N N 187 
LEU HD22 H N N 188 
LEU HD23 H N N 189 
LEU HXT  H N N 190 
LYS N    N N N 191 
LYS CA   C N S 192 
LYS C    C N N 193 
LYS O    O N N 194 
LYS CB   C N N 195 
LYS CG   C N N 196 
LYS CD   C N N 197 
LYS CE   C N N 198 
LYS NZ   N N N 199 
LYS OXT  O N N 200 
LYS H    H N N 201 
LYS H2   H N N 202 
LYS HA   H N N 203 
LYS HB2  H N N 204 
LYS HB3  H N N 205 
LYS HG2  H N N 206 
LYS HG3  H N N 207 
LYS HD2  H N N 208 
LYS HD3  H N N 209 
LYS HE2  H N N 210 
LYS HE3  H N N 211 
LYS HZ1  H N N 212 
LYS HZ2  H N N 213 
LYS HZ3  H N N 214 
LYS HXT  H N N 215 
MET N    N N N 216 
MET CA   C N S 217 
MET C    C N N 218 
MET O    O N N 219 
MET CB   C N N 220 
MET CG   C N N 221 
MET SD   S N N 222 
MET CE   C N N 223 
MET OXT  O N N 224 
MET H    H N N 225 
MET H2   H N N 226 
MET HA   H N N 227 
MET HB2  H N N 228 
MET HB3  H N N 229 
MET HG2  H N N 230 
MET HG3  H N N 231 
MET HE1  H N N 232 
MET HE2  H N N 233 
MET HE3  H N N 234 
MET HXT  H N N 235 
PHE N    N N N 236 
PHE CA   C N S 237 
PHE C    C N N 238 
PHE O    O N N 239 
PHE CB   C N N 240 
PHE CG   C Y N 241 
PHE CD1  C Y N 242 
PHE CD2  C Y N 243 
PHE CE1  C Y N 244 
PHE CE2  C Y N 245 
PHE CZ   C Y N 246 
PHE OXT  O N N 247 
PHE H    H N N 248 
PHE H2   H N N 249 
PHE HA   H N N 250 
PHE HB2  H N N 251 
PHE HB3  H N N 252 
PHE HD1  H N N 253 
PHE HD2  H N N 254 
PHE HE1  H N N 255 
PHE HE2  H N N 256 
PHE HZ   H N N 257 
PHE HXT  H N N 258 
THR N    N N N 259 
THR CA   C N S 260 
THR C    C N N 261 
THR O    O N N 262 
THR CB   C N R 263 
THR OG1  O N N 264 
THR CG2  C N N 265 
THR OXT  O N N 266 
THR H    H N N 267 
THR H2   H N N 268 
THR HA   H N N 269 
THR HB   H N N 270 
THR HG1  H N N 271 
THR HG21 H N N 272 
THR HG22 H N N 273 
THR HG23 H N N 274 
THR HXT  H N N 275 
TRP N    N N N 276 
TRP CA   C N S 277 
TRP C    C N N 278 
TRP O    O N N 279 
TRP CB   C N N 280 
TRP CG   C Y N 281 
TRP CD1  C Y N 282 
TRP CD2  C Y N 283 
TRP NE1  N Y N 284 
TRP CE2  C Y N 285 
TRP CE3  C Y N 286 
TRP CZ2  C Y N 287 
TRP CZ3  C Y N 288 
TRP CH2  C Y N 289 
TRP OXT  O N N 290 
TRP H    H N N 291 
TRP H2   H N N 292 
TRP HA   H N N 293 
TRP HB2  H N N 294 
TRP HB3  H N N 295 
TRP HD1  H N N 296 
TRP HE1  H N N 297 
TRP HE3  H N N 298 
TRP HZ2  H N N 299 
TRP HZ3  H N N 300 
TRP HH2  H N N 301 
TRP HXT  H N N 302 
TYR N    N N N 303 
TYR CA   C N S 304 
TYR C    C N N 305 
TYR O    O N N 306 
TYR CB   C N N 307 
TYR CG   C Y N 308 
TYR CD1  C Y N 309 
TYR CD2  C Y N 310 
TYR CE1  C Y N 311 
TYR CE2  C Y N 312 
TYR CZ   C Y N 313 
TYR OH   O N N 314 
TYR OXT  O N N 315 
TYR H    H N N 316 
TYR H2   H N N 317 
TYR HA   H N N 318 
TYR HB2  H N N 319 
TYR HB3  H N N 320 
TYR HD1  H N N 321 
TYR HD2  H N N 322 
TYR HE1  H N N 323 
TYR HE2  H N N 324 
TYR HH   H N N 325 
TYR HXT  H N N 326 
VAL N    N N N 327 
VAL CA   C N S 328 
VAL C    C N N 329 
VAL O    O N N 330 
VAL CB   C N N 331 
VAL CG1  C N N 332 
VAL CG2  C N N 333 
VAL OXT  O N N 334 
VAL H    H N N 335 
VAL H2   H N N 336 
VAL HA   H N N 337 
VAL HB   H N N 338 
VAL HG11 H N N 339 
VAL HG12 H N N 340 
VAL HG13 H N N 341 
VAL HG21 H N N 342 
VAL HG22 H N N 343 
VAL HG23 H N N 344 
VAL HXT  H N N 345 
# 
loop_
_chem_comp_bond.comp_id 
_chem_comp_bond.atom_id_1 
_chem_comp_bond.atom_id_2 
_chem_comp_bond.value_order 
_chem_comp_bond.pdbx_aromatic_flag 
_chem_comp_bond.pdbx_stereo_config 
_chem_comp_bond.pdbx_ordinal 
ALA N   CA   sing N N 1   
ALA N   H    sing N N 2   
ALA N   H2   sing N N 3   
ALA CA  C    sing N N 4   
ALA CA  CB   sing N N 5   
ALA CA  HA   sing N N 6   
ALA C   O    doub N N 7   
ALA C   OXT  sing N N 8   
ALA CB  HB1  sing N N 9   
ALA CB  HB2  sing N N 10  
ALA CB  HB3  sing N N 11  
ALA OXT HXT  sing N N 12  
ARG N   CA   sing N N 13  
ARG N   H    sing N N 14  
ARG N   H2   sing N N 15  
ARG CA  C    sing N N 16  
ARG CA  CB   sing N N 17  
ARG CA  HA   sing N N 18  
ARG C   O    doub N N 19  
ARG C   OXT  sing N N 20  
ARG CB  CG   sing N N 21  
ARG CB  HB2  sing N N 22  
ARG CB  HB3  sing N N 23  
ARG CG  CD   sing N N 24  
ARG CG  HG2  sing N N 25  
ARG CG  HG3  sing N N 26  
ARG CD  NE   sing N N 27  
ARG CD  HD2  sing N N 28  
ARG CD  HD3  sing N N 29  
ARG NE  CZ   sing N N 30  
ARG NE  HE   sing N N 31  
ARG CZ  NH1  sing N N 32  
ARG CZ  NH2  doub N N 33  
ARG NH1 HH11 sing N N 34  
ARG NH1 HH12 sing N N 35  
ARG NH2 HH21 sing N N 36  
ARG NH2 HH22 sing N N 37  
ARG OXT HXT  sing N N 38  
ASN N   CA   sing N N 39  
ASN N   H    sing N N 40  
ASN N   H2   sing N N 41  
ASN CA  C    sing N N 42  
ASN CA  CB   sing N N 43  
ASN CA  HA   sing N N 44  
ASN C   O    doub N N 45  
ASN C   OXT  sing N N 46  
ASN CB  CG   sing N N 47  
ASN CB  HB2  sing N N 48  
ASN CB  HB3  sing N N 49  
ASN CG  OD1  doub N N 50  
ASN CG  ND2  sing N N 51  
ASN ND2 HD21 sing N N 52  
ASN ND2 HD22 sing N N 53  
ASN OXT HXT  sing N N 54  
ASP N   CA   sing N N 55  
ASP N   H    sing N N 56  
ASP N   H2   sing N N 57  
ASP CA  C    sing N N 58  
ASP CA  CB   sing N N 59  
ASP CA  HA   sing N N 60  
ASP C   O    doub N N 61  
ASP C   OXT  sing N N 62  
ASP CB  CG   sing N N 63  
ASP CB  HB2  sing N N 64  
ASP CB  HB3  sing N N 65  
ASP CG  OD1  doub N N 66  
ASP CG  OD2  sing N N 67  
ASP OD2 HD2  sing N N 68  
ASP OXT HXT  sing N N 69  
GLN N   CA   sing N N 70  
GLN N   H    sing N N 71  
GLN N   H2   sing N N 72  
GLN CA  C    sing N N 73  
GLN CA  CB   sing N N 74  
GLN CA  HA   sing N N 75  
GLN C   O    doub N N 76  
GLN C   OXT  sing N N 77  
GLN CB  CG   sing N N 78  
GLN CB  HB2  sing N N 79  
GLN CB  HB3  sing N N 80  
GLN CG  CD   sing N N 81  
GLN CG  HG2  sing N N 82  
GLN CG  HG3  sing N N 83  
GLN CD  OE1  doub N N 84  
GLN CD  NE2  sing N N 85  
GLN NE2 HE21 sing N N 86  
GLN NE2 HE22 sing N N 87  
GLN OXT HXT  sing N N 88  
GLU N   CA   sing N N 89  
GLU N   H    sing N N 90  
GLU N   H2   sing N N 91  
GLU CA  C    sing N N 92  
GLU CA  CB   sing N N 93  
GLU CA  HA   sing N N 94  
GLU C   O    doub N N 95  
GLU C   OXT  sing N N 96  
GLU CB  CG   sing N N 97  
GLU CB  HB2  sing N N 98  
GLU CB  HB3  sing N N 99  
GLU CG  CD   sing N N 100 
GLU CG  HG2  sing N N 101 
GLU CG  HG3  sing N N 102 
GLU CD  OE1  doub N N 103 
GLU CD  OE2  sing N N 104 
GLU OE2 HE2  sing N N 105 
GLU OXT HXT  sing N N 106 
GLY N   CA   sing N N 107 
GLY N   H    sing N N 108 
GLY N   H2   sing N N 109 
GLY CA  C    sing N N 110 
GLY CA  HA2  sing N N 111 
GLY CA  HA3  sing N N 112 
GLY C   O    doub N N 113 
GLY C   OXT  sing N N 114 
GLY OXT HXT  sing N N 115 
HIS N   CA   sing N N 116 
HIS N   H    sing N N 117 
HIS N   H2   sing N N 118 
HIS CA  C    sing N N 119 
HIS CA  CB   sing N N 120 
HIS CA  HA   sing N N 121 
HIS C   O    doub N N 122 
HIS C   OXT  sing N N 123 
HIS CB  CG   sing N N 124 
HIS CB  HB2  sing N N 125 
HIS CB  HB3  sing N N 126 
HIS CG  ND1  sing Y N 127 
HIS CG  CD2  doub Y N 128 
HIS ND1 CE1  doub Y N 129 
HIS ND1 HD1  sing N N 130 
HIS CD2 NE2  sing Y N 131 
HIS CD2 HD2  sing N N 132 
HIS CE1 NE2  sing Y N 133 
HIS CE1 HE1  sing N N 134 
HIS NE2 HE2  sing N N 135 
HIS OXT HXT  sing N N 136 
HOH O   H1   sing N N 137 
HOH O   H2   sing N N 138 
ILE N   CA   sing N N 139 
ILE N   H    sing N N 140 
ILE N   H2   sing N N 141 
ILE CA  C    sing N N 142 
ILE CA  CB   sing N N 143 
ILE CA  HA   sing N N 144 
ILE C   O    doub N N 145 
ILE C   OXT  sing N N 146 
ILE CB  CG1  sing N N 147 
ILE CB  CG2  sing N N 148 
ILE CB  HB   sing N N 149 
ILE CG1 CD1  sing N N 150 
ILE CG1 HG12 sing N N 151 
ILE CG1 HG13 sing N N 152 
ILE CG2 HG21 sing N N 153 
ILE CG2 HG22 sing N N 154 
ILE CG2 HG23 sing N N 155 
ILE CD1 HD11 sing N N 156 
ILE CD1 HD12 sing N N 157 
ILE CD1 HD13 sing N N 158 
ILE OXT HXT  sing N N 159 
LEU N   CA   sing N N 160 
LEU N   H    sing N N 161 
LEU N   H2   sing N N 162 
LEU CA  C    sing N N 163 
LEU CA  CB   sing N N 164 
LEU CA  HA   sing N N 165 
LEU C   O    doub N N 166 
LEU C   OXT  sing N N 167 
LEU CB  CG   sing N N 168 
LEU CB  HB2  sing N N 169 
LEU CB  HB3  sing N N 170 
LEU CG  CD1  sing N N 171 
LEU CG  CD2  sing N N 172 
LEU CG  HG   sing N N 173 
LEU CD1 HD11 sing N N 174 
LEU CD1 HD12 sing N N 175 
LEU CD1 HD13 sing N N 176 
LEU CD2 HD21 sing N N 177 
LEU CD2 HD22 sing N N 178 
LEU CD2 HD23 sing N N 179 
LEU OXT HXT  sing N N 180 
LYS N   CA   sing N N 181 
LYS N   H    sing N N 182 
LYS N   H2   sing N N 183 
LYS CA  C    sing N N 184 
LYS CA  CB   sing N N 185 
LYS CA  HA   sing N N 186 
LYS C   O    doub N N 187 
LYS C   OXT  sing N N 188 
LYS CB  CG   sing N N 189 
LYS CB  HB2  sing N N 190 
LYS CB  HB3  sing N N 191 
LYS CG  CD   sing N N 192 
LYS CG  HG2  sing N N 193 
LYS CG  HG3  sing N N 194 
LYS CD  CE   sing N N 195 
LYS CD  HD2  sing N N 196 
LYS CD  HD3  sing N N 197 
LYS CE  NZ   sing N N 198 
LYS CE  HE2  sing N N 199 
LYS CE  HE3  sing N N 200 
LYS NZ  HZ1  sing N N 201 
LYS NZ  HZ2  sing N N 202 
LYS NZ  HZ3  sing N N 203 
LYS OXT HXT  sing N N 204 
MET N   CA   sing N N 205 
MET N   H    sing N N 206 
MET N   H2   sing N N 207 
MET CA  C    sing N N 208 
MET CA  CB   sing N N 209 
MET CA  HA   sing N N 210 
MET C   O    doub N N 211 
MET C   OXT  sing N N 212 
MET CB  CG   sing N N 213 
MET CB  HB2  sing N N 214 
MET CB  HB3  sing N N 215 
MET CG  SD   sing N N 216 
MET CG  HG2  sing N N 217 
MET CG  HG3  sing N N 218 
MET SD  CE   sing N N 219 
MET CE  HE1  sing N N 220 
MET CE  HE2  sing N N 221 
MET CE  HE3  sing N N 222 
MET OXT HXT  sing N N 223 
PHE N   CA   sing N N 224 
PHE N   H    sing N N 225 
PHE N   H2   sing N N 226 
PHE CA  C    sing N N 227 
PHE CA  CB   sing N N 228 
PHE CA  HA   sing N N 229 
PHE C   O    doub N N 230 
PHE C   OXT  sing N N 231 
PHE CB  CG   sing N N 232 
PHE CB  HB2  sing N N 233 
PHE CB  HB3  sing N N 234 
PHE CG  CD1  doub Y N 235 
PHE CG  CD2  sing Y N 236 
PHE CD1 CE1  sing Y N 237 
PHE CD1 HD1  sing N N 238 
PHE CD2 CE2  doub Y N 239 
PHE CD2 HD2  sing N N 240 
PHE CE1 CZ   doub Y N 241 
PHE CE1 HE1  sing N N 242 
PHE CE2 CZ   sing Y N 243 
PHE CE2 HE2  sing N N 244 
PHE CZ  HZ   sing N N 245 
PHE OXT HXT  sing N N 246 
THR N   CA   sing N N 247 
THR N   H    sing N N 248 
THR N   H2   sing N N 249 
THR CA  C    sing N N 250 
THR CA  CB   sing N N 251 
THR CA  HA   sing N N 252 
THR C   O    doub N N 253 
THR C   OXT  sing N N 254 
THR CB  OG1  sing N N 255 
THR CB  CG2  sing N N 256 
THR CB  HB   sing N N 257 
THR OG1 HG1  sing N N 258 
THR CG2 HG21 sing N N 259 
THR CG2 HG22 sing N N 260 
THR CG2 HG23 sing N N 261 
THR OXT HXT  sing N N 262 
TRP N   CA   sing N N 263 
TRP N   H    sing N N 264 
TRP N   H2   sing N N 265 
TRP CA  C    sing N N 266 
TRP CA  CB   sing N N 267 
TRP CA  HA   sing N N 268 
TRP C   O    doub N N 269 
TRP C   OXT  sing N N 270 
TRP CB  CG   sing N N 271 
TRP CB  HB2  sing N N 272 
TRP CB  HB3  sing N N 273 
TRP CG  CD1  doub Y N 274 
TRP CG  CD2  sing Y N 275 
TRP CD1 NE1  sing Y N 276 
TRP CD1 HD1  sing N N 277 
TRP CD2 CE2  doub Y N 278 
TRP CD2 CE3  sing Y N 279 
TRP NE1 CE2  sing Y N 280 
TRP NE1 HE1  sing N N 281 
TRP CE2 CZ2  sing Y N 282 
TRP CE3 CZ3  doub Y N 283 
TRP CE3 HE3  sing N N 284 
TRP CZ2 CH2  doub Y N 285 
TRP CZ2 HZ2  sing N N 286 
TRP CZ3 CH2  sing Y N 287 
TRP CZ3 HZ3  sing N N 288 
TRP CH2 HH2  sing N N 289 
TRP OXT HXT  sing N N 290 
TYR N   CA   sing N N 291 
TYR N   H    sing N N 292 
TYR N   H2   sing N N 293 
TYR CA  C    sing N N 294 
TYR CA  CB   sing N N 295 
TYR CA  HA   sing N N 296 
TYR C   O    doub N N 297 
TYR C   OXT  sing N N 298 
TYR CB  CG   sing N N 299 
TYR CB  HB2  sing N N 300 
TYR CB  HB3  sing N N 301 
TYR CG  CD1  doub Y N 302 
TYR CG  CD2  sing Y N 303 
TYR CD1 CE1  sing Y N 304 
TYR CD1 HD1  sing N N 305 
TYR CD2 CE2  doub Y N 306 
TYR CD2 HD2  sing N N 307 
TYR CE1 CZ   doub Y N 308 
TYR CE1 HE1  sing N N 309 
TYR CE2 CZ   sing Y N 310 
TYR CE2 HE2  sing N N 311 
TYR CZ  OH   sing N N 312 
TYR OH  HH   sing N N 313 
TYR OXT HXT  sing N N 314 
VAL N   CA   sing N N 315 
VAL N   H    sing N N 316 
VAL N   H2   sing N N 317 
VAL CA  C    sing N N 318 
VAL CA  CB   sing N N 319 
VAL CA  HA   sing N N 320 
VAL C   O    doub N N 321 
VAL C   OXT  sing N N 322 
VAL CB  CG1  sing N N 323 
VAL CB  CG2  sing N N 324 
VAL CB  HB   sing N N 325 
VAL CG1 HG11 sing N N 326 
VAL CG1 HG12 sing N N 327 
VAL CG1 HG13 sing N N 328 
VAL CG2 HG21 sing N N 329 
VAL CG2 HG22 sing N N 330 
VAL CG2 HG23 sing N N 331 
VAL OXT HXT  sing N N 332 
# 
_pdbx_initial_refinement_model.id               1 
_pdbx_initial_refinement_model.entity_id_list   ? 
_pdbx_initial_refinement_model.type             'experimental model' 
_pdbx_initial_refinement_model.source_name      PDB 
_pdbx_initial_refinement_model.accession_code   1PGA 
_pdbx_initial_refinement_model.details          'pdb entry 1pga' 
# 
_atom_sites.entry_id                    1MHX 
_atom_sites.fract_transf_matrix[1][1]   -0.00307844 
_atom_sites.fract_transf_matrix[1][2]   -0.01199927 
_atom_sites.fract_transf_matrix[1][3]   -0.01597963 
_atom_sites.fract_transf_matrix[2][1]   0.01795743 
_atom_sites.fract_transf_matrix[2][2]   -0.00875441 
_atom_sites.fract_transf_matrix[2][3]   0.00311432 
_atom_sites.fract_transf_matrix[3][1]   -0.00420902 
_atom_sites.fract_transf_matrix[3][2]   -0.00658595 
_atom_sites.fract_transf_matrix[3][3]   0.00575632 
_atom_sites.fract_transf_vector[1]      0.318152 
_atom_sites.fract_transf_vector[2]      0.093217 
_atom_sites.fract_transf_vector[3]      0.100466 
# 
loop_
_atom_type.symbol 
C 
N 
O 
S 
# 
loop_
_atom_site.group_PDB 
_atom_site.id 
_atom_site.type_symbol 
_atom_site.label_atom_id 
_atom_site.label_alt_id 
_atom_site.label_comp_id 
_atom_site.label_asym_id 
_atom_site.label_entity_id 
_atom_site.label_seq_id 
_atom_site.pdbx_PDB_ins_code 
_atom_site.Cartn_x 
_atom_site.Cartn_y 
_atom_site.Cartn_z 
_atom_site.occupancy 
_atom_site.B_iso_or_equiv 
_atom_site.pdbx_formal_charge 
_atom_site.auth_seq_id 
_atom_site.auth_comp_id 
_atom_site.auth_asym_id 
_atom_site.auth_atom_id 
_atom_site.pdbx_PDB_model_num 
ATOM   1   N N   . MET A 1 1  ? 1.544   33.635  -14.169 1.00 30.37 ? 1   MET A N   1 
ATOM   2   C CA  . MET A 1 1  ? 1.001   33.314  -12.821 1.00 30.22 ? 1   MET A CA  1 
ATOM   3   C C   . MET A 1 1  ? 1.363   31.881  -12.455 1.00 30.51 ? 1   MET A C   1 
ATOM   4   O O   . MET A 1 1  ? 1.687   31.069  -13.323 1.00 29.93 ? 1   MET A O   1 
ATOM   5   C CB  . MET A 1 1  ? -0.516  33.487  -12.814 1.00 29.21 ? 1   MET A CB  1 
ATOM   6   N N   . HIS A 1 2  ? 1.316   31.578  -11.164 1.00 30.47 ? 2   HIS A N   1 
ATOM   7   C CA  . HIS A 1 2  ? 1.632   30.242  -10.685 1.00 28.16 ? 2   HIS A CA  1 
ATOM   8   C C   . HIS A 1 2  ? 0.976   29.975  -9.348  1.00 26.72 ? 2   HIS A C   1 
ATOM   9   O O   . HIS A 1 2  ? 0.779   30.886  -8.542  1.00 24.46 ? 2   HIS A O   1 
ATOM   10  C CB  . HIS A 1 2  ? 3.153   30.057  -10.547 1.00 30.79 ? 2   HIS A CB  1 
ATOM   11  C CG  . HIS A 1 2  ? 3.555   28.919  -9.652  1.00 33.70 ? 2   HIS A CG  1 
ATOM   12  N ND1 . HIS A 1 2  ? 3.605   29.031  -8.278  1.00 34.68 ? 2   HIS A ND1 1 
ATOM   13  C CD2 . HIS A 1 2  ? 3.918   27.641  -9.934  1.00 33.64 ? 2   HIS A CD2 1 
ATOM   14  C CE1 . HIS A 1 2  ? 3.980   27.877  -7.752  1.00 34.59 ? 2   HIS A CE1 1 
ATOM   15  N NE2 . HIS A 1 2  ? 4.175   27.017  -8.739  1.00 34.09 ? 2   HIS A NE2 1 
ATOM   16  N N   . HIS A 1 3  ? 0.600   28.720  -9.141  1.00 21.05 ? 3   HIS A N   1 
ATOM   17  C CA  . HIS A 1 3  ? 0.035   28.302  -7.878  1.00 20.16 ? 3   HIS A CA  1 
ATOM   18  C C   . HIS A 1 3  ? 0.322   26.825  -7.740  1.00 17.03 ? 3   HIS A C   1 
ATOM   19  O O   . HIS A 1 3  ? 0.526   26.115  -8.727  1.00 18.58 ? 3   HIS A O   1 
ATOM   20  C CB  . HIS A 1 3  ? -1.478  28.588  -7.762  1.00 20.75 ? 3   HIS A CB  1 
ATOM   21  C CG  . HIS A 1 3  ? -2.339  27.833  -8.730  1.00 23.08 ? 3   HIS A CG  1 
ATOM   22  N ND1 . HIS A 1 3  ? -2.729  28.360  -9.942  1.00 22.06 ? 3   HIS A ND1 1 
ATOM   23  C CD2 . HIS A 1 3  ? -2.948  26.625  -8.630  1.00 22.36 ? 3   HIS A CD2 1 
ATOM   24  C CE1 . HIS A 1 3  ? -3.544  27.514  -10.547 1.00 22.08 ? 3   HIS A CE1 1 
ATOM   25  N NE2 . HIS A 1 3  ? -3.693  26.454  -9.772  1.00 23.01 ? 3   HIS A NE2 1 
ATOM   26  N N   . HIS A 1 4  ? 0.386   26.369  -6.505  1.00 14.76 ? 4   HIS A N   1 
ATOM   27  C CA  . HIS A 1 4  ? 0.650   24.972  -6.270  1.00 12.99 ? 4   HIS A CA  1 
ATOM   28  C C   . HIS A 1 4  ? -0.682  24.281  -6.081  1.00 11.27 ? 4   HIS A C   1 
ATOM   29  O O   . HIS A 1 4  ? -1.603  24.840  -5.495  1.00 12.08 ? 4   HIS A O   1 
ATOM   30  C CB  . HIS A 1 4  ? 1.499   24.782  -5.016  1.00 12.74 ? 4   HIS A CB  1 
ATOM   31  C CG  . HIS A 1 4  ? 1.953   23.370  -4.817  1.00 15.06 ? 4   HIS A CG  1 
ATOM   32  N ND1 . HIS A 1 4  ? 3.025   22.831  -5.496  1.00 16.14 ? 4   HIS A ND1 1 
ATOM   33  C CD2 . HIS A 1 4  ? 1.442   22.367  -4.062  1.00 14.91 ? 4   HIS A CD2 1 
ATOM   34  C CE1 . HIS A 1 4  ? 3.153   21.557  -5.170  1.00 15.83 ? 4   HIS A CE1 1 
ATOM   35  N NE2 . HIS A 1 4  ? 2.205   21.250  -4.303  1.00 14.42 ? 4   HIS A NE2 1 
ATOM   36  N N   . HIS A 1 5  ? -0.779  23.065  -6.601  1.00 10.03 ? 5   HIS A N   1 
ATOM   37  C CA  . HIS A 1 5  ? -1.978  22.270  -6.459  1.00 9.43  ? 5   HIS A CA  1 
ATOM   38  C C   . HIS A 1 5  ? -1.592  21.097  -5.558  1.00 9.46  ? 5   HIS A C   1 
ATOM   39  O O   . HIS A 1 5  ? -0.793  20.246  -5.948  1.00 10.65 ? 5   HIS A O   1 
ATOM   40  C CB  . HIS A 1 5  ? -2.447  21.745  -7.822  1.00 10.12 ? 5   HIS A CB  1 
ATOM   41  C CG  . HIS A 1 5  ? -3.612  20.809  -7.734  1.00 12.25 ? 5   HIS A CG  1 
ATOM   42  N ND1 . HIS A 1 5  ? -4.869  21.223  -7.345  1.00 12.54 ? 5   HIS A ND1 1 
ATOM   43  C CD2 . HIS A 1 5  ? -3.695  19.472  -7.921  1.00 12.22 ? 5   HIS A CD2 1 
ATOM   44  C CE1 . HIS A 1 5  ? -5.675  20.176  -7.291  1.00 13.90 ? 5   HIS A CE1 1 
ATOM   45  N NE2 . HIS A 1 5  ? -4.989  19.102  -7.634  1.00 13.21 ? 5   HIS A NE2 1 
ATOM   46  N N   . HIS A 1 6  ? -2.105  21.092  -4.333  1.00 11.49 ? 6   HIS A N   1 
ATOM   47  C CA  . HIS A 1 6  ? -1.844  19.995  -3.400  1.00 13.11 ? 6   HIS A CA  1 
ATOM   48  C C   . HIS A 1 6  ? -2.892  18.977  -3.825  1.00 13.04 ? 6   HIS A C   1 
ATOM   49  O O   . HIS A 1 6  ? -4.076  19.165  -3.555  1.00 12.37 ? 6   HIS A O   1 
ATOM   50  C CB  . HIS A 1 6  ? -2.105  20.444  -1.960  1.00 14.43 ? 6   HIS A CB  1 
ATOM   51  C CG  . HIS A 1 6  ? -1.191  21.535  -1.486  1.00 15.99 ? 6   HIS A CG  1 
ATOM   52  N ND1 . HIS A 1 6  ? 0.103   21.293  -1.074  1.00 17.75 ? 6   HIS A ND1 1 
ATOM   53  C CD2 . HIS A 1 6  ? -1.380  22.868  -1.365  1.00 18.01 ? 6   HIS A CD2 1 
ATOM   54  C CE1 . HIS A 1 6  ? 0.670   22.432  -0.719  1.00 20.21 ? 6   HIS A CE1 1 
ATOM   55  N NE2 . HIS A 1 6  ? -0.208  23.404  -0.885  1.00 21.14 ? 6   HIS A NE2 1 
ATOM   56  N N   . HIS A 1 7  ? -2.471  17.908  -4.497  1.00 14.34 ? 7   HIS A N   1 
ATOM   57  C CA  . HIS A 1 7  ? -3.432  16.927  -4.987  1.00 13.72 ? 7   HIS A CA  1 
ATOM   58  C C   . HIS A 1 7  ? -4.065  16.047  -3.912  1.00 12.24 ? 7   HIS A C   1 
ATOM   59  O O   . HIS A 1 7  ? -3.460  15.757  -2.879  1.00 11.07 ? 7   HIS A O   1 
ATOM   60  C CB  . HIS A 1 7  ? -2.810  16.069  -6.106  1.00 15.92 ? 7   HIS A CB  1 
ATOM   61  C CG  . HIS A 1 7  ? -1.956  14.937  -5.622  1.00 19.29 ? 7   HIS A CG  1 
ATOM   62  N ND1 . HIS A 1 7  ? -0.680  15.114  -5.130  1.00 21.24 ? 7   HIS A ND1 1 
ATOM   63  C CD2 . HIS A 1 7  ? -2.185  13.601  -5.594  1.00 18.98 ? 7   HIS A CD2 1 
ATOM   64  C CE1 . HIS A 1 7  ? -0.161  13.939  -4.822  1.00 20.83 ? 7   HIS A CE1 1 
ATOM   65  N NE2 . HIS A 1 7  ? -1.054  13.004  -5.095  1.00 19.46 ? 7   HIS A NE2 1 
ATOM   66  N N   . ALA A 1 8  ? -5.304  15.644  -4.168  1.00 10.96 ? 8   ALA A N   1 
ATOM   67  C CA  . ALA A 1 8  ? -6.064  14.823  -3.233  1.00 11.43 ? 8   ALA A CA  1 
ATOM   68  C C   . ALA A 1 8  ? -5.476  13.422  -3.104  1.00 10.19 ? 8   ALA A C   1 
ATOM   69  O O   . ALA A 1 8  ? -5.068  12.824  -4.093  1.00 10.19 ? 8   ALA A O   1 
ATOM   70  C CB  . ALA A 1 8  ? -7.517  14.739  -3.692  1.00 12.52 ? 8   ALA A CB  1 
ATOM   71  N N   . MET A 1 9  ? -5.415  12.919  -1.877  1.00 11.49 ? 9   MET A N   1 
ATOM   72  C CA  . MET A 1 9  ? -4.895  11.576  -1.619  1.00 10.90 ? 9   MET A CA  1 
ATOM   73  C C   . MET A 1 9  ? -5.686  10.919  -0.496  1.00 11.71 ? 9   MET A C   1 
ATOM   74  O O   . MET A 1 9  ? -6.183  11.600  0.404   1.00 11.37 ? 9   MET A O   1 
ATOM   75  C CB  . MET A 1 9  ? -3.425  11.626  -1.196  1.00 12.47 ? 9   MET A CB  1 
ATOM   76  C CG  . MET A 1 9  ? -2.459  12.117  -2.260  1.00 13.53 ? 9   MET A CG  1 
ATOM   77  S SD  . MET A 1 9  ? -0.768  12.043  -1.651  1.00 17.29 ? 9   MET A SD  1 
ATOM   78  C CE  . MET A 1 9  ? -0.731  13.476  -0.590  1.00 18.91 ? 9   MET A CE  1 
ATOM   79  N N   . ASP A 1 10 ? -5.803  9.597   -0.556  1.00 9.75  ? 10  ASP A N   1 
ATOM   80  C CA  . ASP A 1 10 ? -6.486  8.838   0.483   1.00 8.28  ? 10  ASP A CA  1 
ATOM   81  C C   . ASP A 1 10 ? -5.468  7.886   1.089   1.00 10.32 ? 10  ASP A C   1 
ATOM   82  O O   . ASP A 1 10 ? -4.476  7.549   0.444   1.00 8.70  ? 10  ASP A O   1 
ATOM   83  C CB  . ASP A 1 10 ? -7.649  8.038   -0.102  1.00 7.77  ? 10  ASP A CB  1 
ATOM   84  C CG  . ASP A 1 10 ? -8.740  8.929   -0.640  1.00 10.52 ? 10  ASP A CG  1 
ATOM   85  O OD1 . ASP A 1 10 ? -9.237  9.782   0.124   1.00 9.84  ? 10  ASP A OD1 1 
ATOM   86  O OD2 . ASP A 1 10 ? -9.094  8.778   -1.824  1.00 10.74 ? 10  ASP A OD2 1 
ATOM   87  N N   . THR A 1 11 ? -5.691  7.463   2.327   1.00 9.68  ? 11  THR A N   1 
ATOM   88  C CA  . THR A 1 11 ? -4.754  6.534   2.928   1.00 11.75 ? 11  THR A CA  1 
ATOM   89  C C   . THR A 1 11 ? -5.128  5.107   2.554   1.00 11.41 ? 11  THR A C   1 
ATOM   90  O O   . THR A 1 11 ? -6.316  4.751   2.472   1.00 10.26 ? 11  THR A O   1 
ATOM   91  C CB  . THR A 1 11 ? -4.691  6.682   4.468   1.00 15.62 ? 11  THR A CB  1 
ATOM   92  O OG1 . THR A 1 11 ? -6.001  6.549   5.026   1.00 17.44 ? 11  THR A OG1 1 
ATOM   93  C CG2 . THR A 1 11 ? -4.119  8.045   4.843   1.00 15.98 ? 11  THR A CG2 1 
ATOM   94  N N   . TYR A 1 12 ? -4.098  4.316   2.280   1.00 9.33  ? 12  TYR A N   1 
ATOM   95  C CA  . TYR A 1 12 ? -4.245  2.909   1.920   1.00 9.41  ? 12  TYR A CA  1 
ATOM   96  C C   . TYR A 1 12 ? -3.461  2.082   2.921   1.00 8.71  ? 12  TYR A C   1 
ATOM   97  O O   . TYR A 1 12 ? -2.449  2.540   3.444   1.00 9.45  ? 12  TYR A O   1 
ATOM   98  C CB  . TYR A 1 12 ? -3.714  2.656   0.507   1.00 7.80  ? 12  TYR A CB  1 
ATOM   99  C CG  . TYR A 1 12 ? -4.624  3.201   -0.567  1.00 8.31  ? 12  TYR A CG  1 
ATOM   100 C CD1 . TYR A 1 12 ? -4.634  4.563   -0.874  1.00 8.07  ? 12  TYR A CD1 1 
ATOM   101 C CD2 . TYR A 1 12 ? -5.525  2.366   -1.232  1.00 9.03  ? 12  TYR A CD2 1 
ATOM   102 C CE1 . TYR A 1 12 ? -5.524  5.088   -1.818  1.00 8.50  ? 12  TYR A CE1 1 
ATOM   103 C CE2 . TYR A 1 12 ? -6.418  2.876   -2.175  1.00 9.83  ? 12  TYR A CE2 1 
ATOM   104 C CZ  . TYR A 1 12 ? -6.416  4.233   -2.461  1.00 9.28  ? 12  TYR A CZ  1 
ATOM   105 O OH  . TYR A 1 12 ? -7.323  4.727   -3.373  1.00 9.22  ? 12  TYR A OH  1 
ATOM   106 N N   . LYS A 1 13 ? -3.918  0.859   3.171   1.00 9.18  ? 13  LYS A N   1 
ATOM   107 C CA  . LYS A 1 13 ? -3.257  -0.008  4.135   1.00 10.07 ? 13  LYS A CA  1 
ATOM   108 C C   . LYS A 1 13 ? -2.715  -1.274  3.490   1.00 11.64 ? 13  LYS A C   1 
ATOM   109 O O   . LYS A 1 13 ? -3.264  -1.772  2.505   1.00 10.92 ? 13  LYS A O   1 
ATOM   110 C CB  . LYS A 1 13 ? -4.223  -0.370  5.258   1.00 13.24 ? 13  LYS A CB  1 
ATOM   111 N N   . LEU A 1 14 ? -1.620  -1.762  4.058   1.00 10.84 ? 14  LEU A N   1 
ATOM   112 C CA  . LEU A 1 14 ? -0.968  -2.974  3.602   1.00 12.73 ? 14  LEU A CA  1 
ATOM   113 C C   . LEU A 1 14 ? -0.821  -3.878  4.809   1.00 13.95 ? 14  LEU A C   1 
ATOM   114 O O   . LEU A 1 14 ? -0.108  -3.560  5.768   1.00 13.93 ? 14  LEU A O   1 
ATOM   115 C CB  . LEU A 1 14 ? 0.416   -2.681  3.009   1.00 11.39 ? 14  LEU A CB  1 
ATOM   116 C CG  . LEU A 1 14 ? 1.239   -3.937  2.684   1.00 12.65 ? 14  LEU A CG  1 
ATOM   117 C CD1 . LEU A 1 14 ? 0.475   -4.787  1.673   1.00 13.51 ? 14  LEU A CD1 1 
ATOM   118 C CD2 . LEU A 1 14 ? 2.605   -3.546  2.141   1.00 14.96 ? 14  LEU A CD2 1 
ATOM   119 N N   . PHE A 1 15 ? -1.534  -4.992  4.758   1.00 15.61 ? 15  PHE A N   1 
ATOM   120 C CA  . PHE A 1 15 ? -1.501  -5.990  5.811   1.00 21.67 ? 15  PHE A CA  1 
ATOM   121 C C   . PHE A 1 15 ? -0.584  -7.109  5.353   1.00 24.87 ? 15  PHE A C   1 
ATOM   122 O O   . PHE A 1 15 ? -0.952  -7.870  4.461   1.00 23.29 ? 15  PHE A O   1 
ATOM   123 C CB  . PHE A 1 15 ? -2.887  -6.594  6.043   1.00 24.22 ? 15  PHE A CB  1 
ATOM   124 C CG  . PHE A 1 15 ? -3.726  -5.870  7.052   1.00 29.30 ? 15  PHE A CG  1 
ATOM   125 C CD1 . PHE A 1 15 ? -3.501  -6.024  8.418   1.00 31.12 ? 15  PHE A CD1 1 
ATOM   126 C CD2 . PHE A 1 15 ? -4.780  -5.069  6.635   1.00 31.30 ? 15  PHE A CD2 1 
ATOM   127 C CE1 . PHE A 1 15 ? -4.329  -5.391  9.351   1.00 32.96 ? 15  PHE A CE1 1 
ATOM   128 C CE2 . PHE A 1 15 ? -5.608  -4.433  7.555   1.00 32.95 ? 15  PHE A CE2 1 
ATOM   129 C CZ  . PHE A 1 15 ? -5.383  -4.594  8.916   1.00 33.28 ? 15  PHE A CZ  1 
ATOM   130 N N   A ILE A 1 16 ? 0.592   -7.218  5.952   0.50 26.78 ? 16  ILE A N   1 
ATOM   131 N N   B ILE A 1 16 ? 0.595   -7.215  5.941   0.50 26.86 ? 16  ILE A N   1 
ATOM   132 C CA  A ILE A 1 16 ? 1.519   -8.283  5.565   0.50 30.61 ? 16  ILE A CA  1 
ATOM   133 C CA  B ILE A 1 16 ? 1.508   -8.289  5.562   0.50 30.75 ? 16  ILE A CA  1 
ATOM   134 C C   A ILE A 1 16 ? 1.714   -9.231  6.734   0.50 33.45 ? 16  ILE A C   1 
ATOM   135 C C   B ILE A 1 16 ? 1.685   -9.229  6.737   0.50 33.45 ? 16  ILE A C   1 
ATOM   136 O O   A ILE A 1 16 ? 2.504   -8.937  7.653   0.50 33.63 ? 16  ILE A O   1 
ATOM   137 O O   B ILE A 1 16 ? 2.407   -8.924  7.681   0.50 33.42 ? 16  ILE A O   1 
ATOM   138 C CB  A ILE A 1 16 ? 2.878   -7.709  5.088   0.50 30.52 ? 16  ILE A CB  1 
ATOM   139 C CB  B ILE A 1 16 ? 2.877   -7.744  5.064   0.50 30.71 ? 16  ILE A CB  1 
ATOM   140 C CG1 A ILE A 1 16 ? 3.928   -8.820  5.066   0.50 29.95 ? 16  ILE A CG1 1 
ATOM   141 C CG1 B ILE A 1 16 ? 3.168   -6.355  5.625   0.50 30.56 ? 16  ILE A CG1 1 
ATOM   142 C CG2 A ILE A 1 16 ? 3.296   -6.534  5.947   0.50 30.42 ? 16  ILE A CG2 1 
ATOM   143 C CG2 B ILE A 1 16 ? 2.873   -7.735  3.546   0.50 31.15 ? 16  ILE A CG2 1 
ATOM   144 C CD1 A ILE A 1 16 ? 5.352   -8.327  4.932   0.50 30.61 ? 16  ILE A CD1 1 
ATOM   145 C CD1 B ILE A 1 16 ? 4.377   -5.701  4.969   0.50 29.82 ? 16  ILE A CD1 1 
ATOM   146 N N   . VAL A 1 17 ? 0.981   -10.351 6.687   1.00 36.20 ? 17  VAL A N   1 
ATOM   147 C CA  . VAL A 1 17 ? 1.000   -11.334 7.748   1.00 40.81 ? 17  VAL A CA  1 
ATOM   148 C C   . VAL A 1 17 ? 2.203   -12.140 7.448   1.00 43.33 ? 17  VAL A C   1 
ATOM   149 O O   . VAL A 1 17 ? 2.120   -13.133 6.733   1.00 44.14 ? 17  VAL A O   1 
ATOM   150 C CB  . VAL A 1 17 ? -0.251  -12.230 7.690   1.00 42.10 ? 17  VAL A CB  1 
ATOM   151 C CG1 . VAL A 1 17 ? -0.130  -13.355 8.690   1.00 43.46 ? 17  VAL A CG1 1 
ATOM   152 C CG2 . VAL A 1 17 ? -1.533  -11.394 7.970   1.00 43.35 ? 17  VAL A CG2 1 
ATOM   153 N N   . ILE A 1 18 ? 3.336   -11.702 7.975   1.00 45.81 ? 18  ILE A N   1 
ATOM   154 C CA  . ILE A 1 18 ? 4.576   -12.411 7.725   1.00 48.07 ? 18  ILE A CA  1 
ATOM   155 C C   . ILE A 1 18 ? 5.082   -13.181 8.954   1.00 48.44 ? 18  ILE A C   1 
ATOM   156 O O   . ILE A 1 18 ? 5.396   -12.592 9.988   1.00 49.27 ? 18  ILE A O   1 
ATOM   157 C CB  . ILE A 1 18 ? 5.655   -11.414 7.221   1.00 48.65 ? 18  ILE A CB  1 
ATOM   158 C CG1 . ILE A 1 18 ? 6.917   -12.154 6.772   1.00 49.78 ? 18  ILE A CG1 1 
ATOM   159 C CG2 . ILE A 1 18 ? 5.952   -10.377 8.301   1.00 49.66 ? 18  ILE A CG2 1 
ATOM   160 C CD1 . ILE A 1 18 ? 8.006   -11.224 6.230   1.00 49.62 ? 18  ILE A CD1 1 
ATOM   161 N N   . GLY A 1 19 ? 5.163   -14.504 8.819   1.00 48.60 ? 19  GLY A N   1 
ATOM   162 C CA  . GLY A 1 19 ? 5.645   -15.361 9.892   1.00 47.15 ? 19  GLY A CA  1 
ATOM   163 C C   . GLY A 1 19 ? 4.896   -15.315 11.215  1.00 46.52 ? 19  GLY A C   1 
ATOM   164 O O   . GLY A 1 19 ? 3.799   -15.866 11.357  1.00 46.82 ? 19  GLY A O   1 
ATOM   165 N N   . ASP A 1 20 ? 5.501   -14.644 12.190  1.00 45.51 ? 20  ASP A N   1 
ATOM   166 C CA  . ASP A 1 20 ? 4.935   -14.514 13.529  1.00 44.75 ? 20  ASP A CA  1 
ATOM   167 C C   . ASP A 1 20 ? 4.286   -13.159 13.761  1.00 42.77 ? 20  ASP A C   1 
ATOM   168 O O   . ASP A 1 20 ? 3.307   -13.045 14.494  1.00 42.37 ? 20  ASP A O   1 
ATOM   169 C CB  . ASP A 1 20 ? 6.031   -14.694 14.585  1.00 46.14 ? 20  ASP A CB  1 
ATOM   170 C CG  . ASP A 1 20 ? 6.561   -16.114 14.648  1.00 48.73 ? 20  ASP A CG  1 
ATOM   171 O OD1 . ASP A 1 20 ? 5.804   -17.009 15.068  1.00 50.00 ? 20  ASP A OD1 1 
ATOM   172 O OD2 . ASP A 1 20 ? 7.737   -16.336 14.284  1.00 50.03 ? 20  ASP A OD2 1 
ATOM   173 N N   . ARG A 1 21 ? 4.846   -12.135 13.133  1.00 41.16 ? 21  ARG A N   1 
ATOM   174 C CA  . ARG A 1 21 ? 4.362   -10.780 13.313  1.00 39.65 ? 21  ARG A CA  1 
ATOM   175 C C   . ARG A 1 21 ? 3.516   -10.222 12.184  1.00 36.79 ? 21  ARG A C   1 
ATOM   176 O O   . ARG A 1 21 ? 3.816   -10.407 11.007  1.00 36.34 ? 21  ARG A O   1 
ATOM   177 C CB  . ARG A 1 21 ? 5.550   -9.855  13.546  1.00 41.83 ? 21  ARG A CB  1 
ATOM   178 C CG  . ARG A 1 21 ? 5.433   -8.990  14.774  1.00 44.69 ? 21  ARG A CG  1 
ATOM   179 C CD  . ARG A 1 21 ? 6.795   -8.438  15.131  1.00 46.48 ? 21  ARG A CD  1 
ATOM   180 N NE  . ARG A 1 21 ? 6.850   -7.935  16.497  1.00 47.76 ? 21  ARG A NE  1 
ATOM   181 C CZ  . ARG A 1 21 ? 7.978   -7.609  17.117  1.00 47.62 ? 21  ARG A CZ  1 
ATOM   182 N NH1 . ARG A 1 21 ? 9.139   -7.737  16.488  1.00 47.16 ? 21  ARG A NH1 1 
ATOM   183 N NH2 . ARG A 1 21 ? 7.947   -7.165  18.367  1.00 47.70 ? 21  ARG A NH2 1 
ATOM   184 N N   . VAL A 1 22 ? 2.450   -9.536  12.566  1.00 34.50 ? 22  VAL A N   1 
ATOM   185 C CA  . VAL A 1 22 ? 1.567   -8.907  11.603  1.00 32.36 ? 22  VAL A CA  1 
ATOM   186 C C   . VAL A 1 22 ? 1.919   -7.427  11.596  1.00 30.70 ? 22  VAL A C   1 
ATOM   187 O O   . VAL A 1 22 ? 1.879   -6.761  12.635  1.00 29.73 ? 22  VAL A O   1 
ATOM   188 C CB  . VAL A 1 22 ? 0.091   -9.088  11.992  1.00 33.20 ? 22  VAL A CB  1 
ATOM   189 C CG1 . VAL A 1 22 ? -0.795  -8.193  11.131  1.00 33.61 ? 22  VAL A CG1 1 
ATOM   190 C CG2 . VAL A 1 22 ? -0.305  -10.549 11.817  1.00 33.02 ? 22  VAL A CG2 1 
ATOM   191 N N   . VAL A 1 23 ? 2.295   -6.928  10.424  1.00 27.85 ? 23  VAL A N   1 
ATOM   192 C CA  . VAL A 1 23 ? 2.654   -5.528  10.270  1.00 26.66 ? 23  VAL A CA  1 
ATOM   193 C C   . VAL A 1 23 ? 1.650   -4.843  9.356   1.00 25.53 ? 23  VAL A C   1 
ATOM   194 O O   . VAL A 1 23 ? 1.324   -5.348  8.279   1.00 24.03 ? 23  VAL A O   1 
ATOM   195 C CB  . VAL A 1 23 ? 4.067   -5.370  9.663   1.00 28.09 ? 23  VAL A CB  1 
ATOM   196 C CG1 . VAL A 1 23 ? 4.422   -3.888  9.547   1.00 28.18 ? 23  VAL A CG1 1 
ATOM   197 C CG2 . VAL A 1 23 ? 5.090   -6.099  10.530  1.00 29.28 ? 23  VAL A CG2 1 
ATOM   198 N N   . VAL A 1 24 ? 1.150   -3.698  9.802   1.00 23.34 ? 24  VAL A N   1 
ATOM   199 C CA  . VAL A 1 24 ? 0.197   -2.932  9.019   1.00 23.26 ? 24  VAL A CA  1 
ATOM   200 C C   . VAL A 1 24 ? 0.888   -1.636  8.633   1.00 21.78 ? 24  VAL A C   1 
ATOM   201 O O   . VAL A 1 24 ? 1.271   -0.844  9.494   1.00 23.09 ? 24  VAL A O   1 
ATOM   202 C CB  . VAL A 1 24 ? -1.071  -2.615  9.833   1.00 24.04 ? 24  VAL A CB  1 
ATOM   203 C CG1 . VAL A 1 24 ? -2.116  -1.953  8.939   1.00 24.32 ? 24  VAL A CG1 1 
ATOM   204 C CG2 . VAL A 1 24 ? -1.620  -3.897  10.448  1.00 24.93 ? 24  VAL A CG2 1 
ATOM   205 N N   . VAL A 1 25 ? 1.069   -1.435  7.334   1.00 18.62 ? 25  VAL A N   1 
ATOM   206 C CA  . VAL A 1 25 ? 1.722   -0.232  6.840   1.00 15.82 ? 25  VAL A CA  1 
ATOM   207 C C   . VAL A 1 25 ? 0.687   0.619   6.125   1.00 15.64 ? 25  VAL A C   1 
ATOM   208 O O   . VAL A 1 25 ? -0.048  0.127   5.269   1.00 14.69 ? 25  VAL A O   1 
ATOM   209 C CB  . VAL A 1 25 ? 2.857   -0.573  5.840   1.00 17.07 ? 25  VAL A CB  1 
ATOM   210 C CG1 . VAL A 1 25 ? 3.615   0.700   5.451   1.00 14.45 ? 25  VAL A CG1 1 
ATOM   211 C CG2 . VAL A 1 25 ? 3.804   -1.611  6.448   1.00 16.92 ? 25  VAL A CG2 1 
ATOM   212 N N   . THR A 1 26 ? 0.606   1.889   6.497   1.00 12.65 ? 26  THR A N   1 
ATOM   213 C CA  . THR A 1 26 ? -0.327  2.782   5.834   1.00 12.90 ? 26  THR A CA  1 
ATOM   214 C C   . THR A 1 26 ? 0.491   3.768   5.014   1.00 12.35 ? 26  THR A C   1 
ATOM   215 O O   . THR A 1 26 ? 1.661   4.022   5.309   1.00 12.34 ? 26  THR A O   1 
ATOM   216 C CB  . THR A 1 26 ? -1.212  3.578   6.837   1.00 13.22 ? 26  THR A CB  1 
ATOM   217 O OG1 . THR A 1 26 ? -0.384  4.221   7.813   1.00 16.22 ? 26  THR A OG1 1 
ATOM   218 C CG2 . THR A 1 26 ? -2.194  2.654   7.533   1.00 16.25 ? 26  THR A CG2 1 
ATOM   219 N N   . THR A 1 27 ? -0.125  4.290   3.962   1.00 10.61 ? 27  THR A N   1 
ATOM   220 C CA  . THR A 1 27 ? 0.521   5.277   3.109   1.00 11.24 ? 27  THR A CA  1 
ATOM   221 C C   . THR A 1 27 ? -0.609  6.118   2.517   1.00 10.43 ? 27  THR A C   1 
ATOM   222 O O   . THR A 1 27 ? -1.781  5.859   2.789   1.00 11.63 ? 27  THR A O   1 
ATOM   223 C CB  . THR A 1 27 ? 1.376   4.605   1.987   1.00 10.23 ? 27  THR A CB  1 
ATOM   224 O OG1 . THR A 1 27 ? 2.255   5.582   1.406   1.00 8.60  ? 27  THR A OG1 1 
ATOM   225 C CG2 . THR A 1 27 ? 0.499   4.022   0.895   1.00 9.50  ? 27  THR A CG2 1 
ATOM   226 N N   . GLU A 1 28 ? -0.268  7.147   1.750   1.00 10.70 ? 28  GLU A N   1 
ATOM   227 C CA  . GLU A 1 28 ? -1.284  7.994   1.126   1.00 10.42 ? 28  GLU A CA  1 
ATOM   228 C C   . GLU A 1 28 ? -1.022  7.957   -0.375  1.00 9.62  ? 28  GLU A C   1 
ATOM   229 O O   . GLU A 1 28 ? 0.127   7.849   -0.795  1.00 10.33 ? 28  GLU A O   1 
ATOM   230 C CB  . GLU A 1 28 ? -1.187  9.436   1.650   1.00 12.65 ? 28  GLU A CB  1 
ATOM   231 C CG  . GLU A 1 28 ? 0.160   10.114  1.400   1.00 14.03 ? 28  GLU A CG  1 
ATOM   232 C CD  . GLU A 1 28 ? 1.275   9.600   2.303   1.00 16.88 ? 28  GLU A CD  1 
ATOM   233 O OE1 . GLU A 1 28 ? 1.103   9.650   3.542   1.00 16.93 ? 28  GLU A OE1 1 
ATOM   234 O OE2 . GLU A 1 28 ? 2.325   9.160   1.776   1.00 15.20 ? 28  GLU A OE2 1 
ATOM   235 N N   . ALA A 1 29 ? -2.078  8.019   -1.182  1.00 8.38  ? 29  ALA A N   1 
ATOM   236 C CA  . ALA A 1 29 ? -1.911  7.974   -2.634  1.00 9.58  ? 29  ALA A CA  1 
ATOM   237 C C   . ALA A 1 29 ? -3.156  8.502   -3.329  1.00 10.34 ? 29  ALA A C   1 
ATOM   238 O O   . ALA A 1 29 ? -4.247  8.477   -2.761  1.00 9.88  ? 29  ALA A O   1 
ATOM   239 C CB  . ALA A 1 29 ? -1.633  6.534   -3.082  1.00 9.01  ? 29  ALA A CB  1 
ATOM   240 N N   . VAL A 1 30 ? -2.997  8.967   -4.564  1.00 11.06 ? 30  VAL A N   1 
ATOM   241 C CA  . VAL A 1 30 ? -4.135  9.511   -5.297  1.00 12.48 ? 30  VAL A CA  1 
ATOM   242 C C   . VAL A 1 30 ? -5.178  8.438   -5.603  1.00 11.85 ? 30  VAL A C   1 
ATOM   243 O O   . VAL A 1 30 ? -6.374  8.725   -5.631  1.00 12.70 ? 30  VAL A O   1 
ATOM   244 C CB  . VAL A 1 30 ? -3.685  10.192  -6.617  1.00 14.74 ? 30  VAL A CB  1 
ATOM   245 C CG1 . VAL A 1 30 ? -3.160  9.164   -7.588  1.00 15.35 ? 30  VAL A CG1 1 
ATOM   246 C CG2 . VAL A 1 30 ? -4.850  10.961  -7.229  1.00 16.93 ? 30  VAL A CG2 1 
ATOM   247 N N   . ASP A 1 31 ? -4.730  7.205   -5.821  1.00 10.60 ? 31  ASP A N   1 
ATOM   248 C CA  . ASP A 1 31 ? -5.649  6.111   -6.124  1.00 10.50 ? 31  ASP A CA  1 
ATOM   249 C C   . ASP A 1 31 ? -5.048  4.736   -5.826  1.00 10.00 ? 31  ASP A C   1 
ATOM   250 O O   . ASP A 1 31 ? -3.893  4.629   -5.422  1.00 8.67  ? 31  ASP A O   1 
ATOM   251 C CB  . ASP A 1 31 ? -6.117  6.183   -7.589  1.00 11.35 ? 31  ASP A CB  1 
ATOM   252 C CG  . ASP A 1 31 ? -4.968  6.168   -8.582  1.00 14.35 ? 31  ASP A CG  1 
ATOM   253 O OD1 . ASP A 1 31 ? -3.886  5.649   -8.241  1.00 13.30 ? 31  ASP A OD1 1 
ATOM   254 O OD2 . ASP A 1 31 ? -5.156  6.663   -9.718  1.00 14.46 ? 31  ASP A OD2 1 
ATOM   255 N N   . ALA A 1 32 ? -5.847  3.689   -6.022  1.00 8.47  ? 32  ALA A N   1 
ATOM   256 C CA  . ALA A 1 32 ? -5.409  2.328   -5.749  1.00 9.67  ? 32  ALA A CA  1 
ATOM   257 C C   . ALA A 1 32 ? -4.177  1.907   -6.540  1.00 10.06 ? 32  ALA A C   1 
ATOM   258 O O   . ALA A 1 32 ? -3.273  1.278   -5.990  1.00 9.01  ? 32  ALA A O   1 
ATOM   259 C CB  . ALA A 1 32 ? -6.544  1.356   -6.013  1.00 12.56 ? 32  ALA A CB  1 
ATOM   260 N N   . ALA A 1 33 ? -4.143  2.245   -7.827  1.00 11.16 ? 33  ALA A N   1 
ATOM   261 C CA  . ALA A 1 33 ? -3.013  1.879   -8.675  1.00 10.81 ? 33  ALA A CA  1 
ATOM   262 C C   . ALA A 1 33 ? -1.731  2.523   -8.171  1.00 11.20 ? 33  ALA A C   1 
ATOM   263 O O   . ALA A 1 33 ? -0.665  1.907   -8.188  1.00 11.22 ? 33  ALA A O   1 
ATOM   264 C CB  . ALA A 1 33 ? -3.278  2.299   -10.120 1.00 9.56  ? 33  ALA A CB  1 
ATOM   265 N N   . THR A 1 34 ? -1.838  3.766   -7.716  1.00 9.77  ? 34  THR A N   1 
ATOM   266 C CA  . THR A 1 34 ? -0.676  4.475   -7.200  1.00 9.22  ? 34  THR A CA  1 
ATOM   267 C C   . THR A 1 34 ? -0.214  3.829   -5.892  1.00 8.11  ? 34  THR A C   1 
ATOM   268 O O   . THR A 1 34 ? 0.986   3.642   -5.674  1.00 9.21  ? 34  THR A O   1 
ATOM   269 C CB  . THR A 1 34 ? -1.000  5.973   -6.991  1.00 9.85  ? 34  THR A CB  1 
ATOM   270 O OG1 . THR A 1 34 ? -1.393  6.548   -8.247  1.00 12.53 ? 34  THR A OG1 1 
ATOM   271 C CG2 . THR A 1 34 ? 0.217   6.720   -6.463  1.00 10.48 ? 34  THR A CG2 1 
ATOM   272 N N   . ALA A 1 35 ? -1.168  3.476   -5.032  1.00 8.66  ? 35  ALA A N   1 
ATOM   273 C CA  . ALA A 1 35 ? -0.853  2.826   -3.763  1.00 9.54  ? 35  ALA A CA  1 
ATOM   274 C C   . ALA A 1 35 ? -0.188  1.478   -4.045  1.00 9.01  ? 35  ALA A C   1 
ATOM   275 O O   . ALA A 1 35 ? 0.752   1.077   -3.344  1.00 8.63  ? 35  ALA A O   1 
ATOM   276 C CB  . ALA A 1 35 ? -2.130  2.630   -2.933  1.00 7.27  ? 35  ALA A CB  1 
ATOM   277 N N   A GLU A 1 36 ? -0.678  0.785   -5.072  0.50 9.53  ? 36  GLU A N   1 
ATOM   278 N N   B GLU A 1 36 ? -0.667  0.777   -5.071  0.50 10.27 ? 36  GLU A N   1 
ATOM   279 C CA  A GLU A 1 36 ? -0.113  -0.507  -5.447  0.50 10.65 ? 36  GLU A CA  1 
ATOM   280 C CA  B GLU A 1 36 ? -0.098  -0.518  -5.420  0.50 11.93 ? 36  GLU A CA  1 
ATOM   281 C C   A GLU A 1 36 ? 1.374   -0.341  -5.771  0.50 11.81 ? 36  GLU A C   1 
ATOM   282 C C   B GLU A 1 36 ? 1.382   -0.363  -5.777  0.50 12.58 ? 36  GLU A C   1 
ATOM   283 O O   A GLU A 1 36 ? 2.210   -1.119  -5.328  0.50 11.57 ? 36  GLU A O   1 
ATOM   284 O O   B GLU A 1 36 ? 2.215   -1.176  -5.357  0.50 12.26 ? 36  GLU A O   1 
ATOM   285 C CB  A GLU A 1 36 ? -0.839  -1.086  -6.666  0.50 11.03 ? 36  GLU A CB  1 
ATOM   286 C CB  B GLU A 1 36 ? -0.876  -1.139  -6.584  0.50 13.67 ? 36  GLU A CB  1 
ATOM   287 C CG  A GLU A 1 36 ? -0.262  -2.418  -7.130  0.50 12.80 ? 36  GLU A CG  1 
ATOM   288 C CG  B GLU A 1 36 ? -0.461  -2.559  -6.917  0.50 18.05 ? 36  GLU A CG  1 
ATOM   289 C CD  A GLU A 1 36 ? -0.759  -2.857  -8.498  0.50 13.73 ? 36  GLU A CD  1 
ATOM   290 C CD  B GLU A 1 36 ? 0.859   -2.623  -7.655  0.50 20.34 ? 36  GLU A CD  1 
ATOM   291 O OE1 A GLU A 1 36 ? -1.440  -2.065  -9.188  0.50 13.75 ? 36  GLU A OE1 1 
ATOM   292 O OE1 B GLU A 1 36 ? 1.727   -3.428  -7.259  0.50 23.61 ? 36  GLU A OE1 1 
ATOM   293 O OE2 A GLU A 1 36 ? -0.457  -4.002  -8.892  0.50 15.84 ? 36  GLU A OE2 1 
ATOM   294 O OE2 B GLU A 1 36 ? 1.025   -1.873  -8.637  0.50 22.10 ? 36  GLU A OE2 1 
ATOM   295 N N   . LYS A 1 37 ? 1.700   0.680   -6.550  1.00 11.43 ? 37  LYS A N   1 
ATOM   296 C CA  . LYS A 1 37 ? 3.090   0.952   -6.936  1.00 13.88 ? 37  LYS A CA  1 
ATOM   297 C C   . LYS A 1 37 ? 3.946   1.211   -5.695  1.00 12.36 ? 37  LYS A C   1 
ATOM   298 O O   . LYS A 1 37 ? 5.051   0.683   -5.564  1.00 11.04 ? 37  LYS A O   1 
ATOM   299 C CB  . LYS A 1 37 ? 3.182   2.193   -7.829  1.00 16.58 ? 37  LYS A CB  1 
ATOM   300 C CG  . LYS A 1 37 ? 2.608   2.072   -9.217  1.00 22.23 ? 37  LYS A CG  1 
ATOM   301 C CD  . LYS A 1 37 ? 2.737   3.414   -9.932  1.00 22.99 ? 37  LYS A CD  1 
ATOM   302 C CE  . LYS A 1 37 ? 2.301   3.345   -11.380 1.00 25.00 ? 37  LYS A CE  1 
ATOM   303 N NZ  . LYS A 1 37 ? 2.285   4.706   -11.979 1.00 23.77 ? 37  LYS A NZ  1 
ATOM   304 N N   . VAL A 1 38 ? 3.432   2.055   -4.802  1.00 11.41 ? 38  VAL A N   1 
ATOM   305 C CA  . VAL A 1 38 ? 4.122   2.397   -3.565  1.00 10.71 ? 38  VAL A CA  1 
ATOM   306 C C   . VAL A 1 38 ? 4.388   1.171   -2.699  1.00 11.87 ? 38  VAL A C   1 
ATOM   307 O O   . VAL A 1 38 ? 5.516   0.961   -2.247  1.00 12.15 ? 38  VAL A O   1 
ATOM   308 C CB  . VAL A 1 38 ? 3.307   3.426   -2.735  1.00 10.29 ? 38  VAL A CB  1 
ATOM   309 C CG1 . VAL A 1 38 ? 3.954   3.634   -1.359  1.00 10.64 ? 38  VAL A CG1 1 
ATOM   310 C CG2 . VAL A 1 38 ? 3.234   4.748   -3.487  1.00 10.33 ? 38  VAL A CG2 1 
ATOM   311 N N   . PHE A 1 39 ? 3.357   0.360   -2.470  1.00 11.00 ? 39  PHE A N   1 
ATOM   312 C CA  . PHE A 1 39 ? 3.504   -0.829  -1.641  1.00 10.63 ? 39  PHE A CA  1 
ATOM   313 C C   . PHE A 1 39 ? 4.360   -1.912  -2.298  1.00 11.66 ? 39  PHE A C   1 
ATOM   314 O O   . PHE A 1 39 ? 5.005   -2.699  -1.607  1.00 9.87  ? 39  PHE A O   1 
ATOM   315 C CB  . PHE A 1 39 ? 2.132   -1.406  -1.260  1.00 8.79  ? 39  PHE A CB  1 
ATOM   316 C CG  . PHE A 1 39 ? 1.414   -0.630  -0.172  1.00 10.55 ? 39  PHE A CG  1 
ATOM   317 C CD1 . PHE A 1 39 ? 2.115   -0.120  0.921   1.00 9.76  ? 39  PHE A CD1 1 
ATOM   318 C CD2 . PHE A 1 39 ? 0.035   -0.447  -0.220  1.00 10.48 ? 39  PHE A CD2 1 
ATOM   319 C CE1 . PHE A 1 39 ? 1.455   0.559   1.946   1.00 9.39  ? 39  PHE A CE1 1 
ATOM   320 C CE2 . PHE A 1 39 ? -0.640  0.235   0.808   1.00 10.36 ? 39  PHE A CE2 1 
ATOM   321 C CZ  . PHE A 1 39 ? 0.074   0.735   1.892   1.00 9.62  ? 39  PHE A CZ  1 
ATOM   322 N N   . LYS A 1 40 ? 4.363   -1.952  -3.627  1.00 12.21 ? 40  LYS A N   1 
ATOM   323 C CA  . LYS A 1 40 ? 5.174   -2.933  -4.347  1.00 13.66 ? 40  LYS A CA  1 
ATOM   324 C C   . LYS A 1 40 ? 6.644   -2.588  -4.124  1.00 15.34 ? 40  LYS A C   1 
ATOM   325 O O   . LYS A 1 40 ? 7.466   -3.463  -3.840  1.00 15.51 ? 40  LYS A O   1 
ATOM   326 C CB  . LYS A 1 40 ? 4.842   -2.905  -5.837  1.00 13.62 ? 40  LYS A CB  1 
ATOM   327 N N   . GLN A 1 41 ? 6.969   -1.306  -4.249  1.00 16.79 ? 41  GLN A N   1 
ATOM   328 C CA  . GLN A 1 41 ? 8.338   -0.856  -4.048  1.00 19.16 ? 41  GLN A CA  1 
ATOM   329 C C   . GLN A 1 41 ? 8.723   -1.070  -2.591  1.00 17.96 ? 41  GLN A C   1 
ATOM   330 O O   . GLN A 1 41 ? 9.837   -1.500  -2.288  1.00 19.42 ? 41  GLN A O   1 
ATOM   331 C CB  . GLN A 1 41 ? 8.479   0.623   -4.410  1.00 22.59 ? 41  GLN A CB  1 
ATOM   332 C CG  . GLN A 1 41 ? 9.920   1.115   -4.391  1.00 28.62 ? 41  GLN A CG  1 
ATOM   333 C CD  . GLN A 1 41 ? 10.810  0.325   -5.337  1.00 30.95 ? 41  GLN A CD  1 
ATOM   334 O OE1 . GLN A 1 41 ? 10.604  0.331   -6.552  1.00 34.37 ? 41  GLN A OE1 1 
ATOM   335 N NE2 . GLN A 1 41 ? 11.801  -0.365  -4.783  1.00 32.73 ? 41  GLN A NE2 1 
ATOM   336 N N   . TYR A 1 42 ? 7.791   -0.777  -1.689  1.00 17.25 ? 42  TYR A N   1 
ATOM   337 C CA  . TYR A 1 42 ? 8.034   -0.945  -0.266  1.00 17.92 ? 42  TYR A CA  1 
ATOM   338 C C   . TYR A 1 42 ? 8.326   -2.414  0.040   1.00 19.35 ? 42  TYR A C   1 
ATOM   339 O O   . TYR A 1 42 ? 9.235   -2.733  0.810   1.00 20.16 ? 42  TYR A O   1 
ATOM   340 C CB  . TYR A 1 42 ? 6.820   -0.467  0.540   1.00 17.92 ? 42  TYR A CB  1 
ATOM   341 C CG  . TYR A 1 42 ? 7.008   -0.603  2.032   1.00 19.35 ? 42  TYR A CG  1 
ATOM   342 C CD1 . TYR A 1 42 ? 6.746   -1.809  2.678   1.00 21.34 ? 42  TYR A CD1 1 
ATOM   343 C CD2 . TYR A 1 42 ? 7.516   0.453   2.786   1.00 21.22 ? 42  TYR A CD2 1 
ATOM   344 C CE1 . TYR A 1 42 ? 6.991   -1.965  4.032   1.00 22.28 ? 42  TYR A CE1 1 
ATOM   345 C CE2 . TYR A 1 42 ? 7.764   0.307   4.145   1.00 22.46 ? 42  TYR A CE2 1 
ATOM   346 C CZ  . TYR A 1 42 ? 7.501   -0.907  4.758   1.00 23.52 ? 42  TYR A CZ  1 
ATOM   347 O OH  . TYR A 1 42 ? 7.784   -1.081  6.089   1.00 27.11 ? 42  TYR A OH  1 
ATOM   348 N N   . ALA A 1 43 ? 7.551   -3.305  -0.570  1.00 18.25 ? 43  ALA A N   1 
ATOM   349 C CA  . ALA A 1 43 ? 7.730   -4.737  -0.370  1.00 20.69 ? 43  ALA A CA  1 
ATOM   350 C C   . ALA A 1 43 ? 9.094   -5.174  -0.896  1.00 22.30 ? 43  ALA A C   1 
ATOM   351 O O   . ALA A 1 43 ? 9.808   -5.930  -0.237  1.00 23.58 ? 43  ALA A O   1 
ATOM   352 C CB  . ALA A 1 43 ? 6.615   -5.513  -1.082  1.00 19.90 ? 43  ALA A CB  1 
ATOM   353 N N   . ASN A 1 44 ? 9.457   -4.690  -2.079  1.00 24.63 ? 44  ASN A N   1 
ATOM   354 C CA  . ASN A 1 44 ? 10.741  -5.046  -2.672  1.00 29.29 ? 44  ASN A CA  1 
ATOM   355 C C   . ASN A 1 44 ? 11.902  -4.499  -1.844  1.00 30.94 ? 44  ASN A C   1 
ATOM   356 O O   . ASN A 1 44 ? 12.890  -5.198  -1.613  1.00 32.00 ? 44  ASN A O   1 
ATOM   357 C CB  . ASN A 1 44 ? 10.834  -4.514  -4.105  1.00 32.34 ? 44  ASN A CB  1 
ATOM   358 C CG  . ASN A 1 44 ? 12.131  -4.910  -4.789  1.00 36.53 ? 44  ASN A CG  1 
ATOM   359 O OD1 . ASN A 1 44 ? 12.442  -6.096  -4.915  1.00 38.00 ? 44  ASN A OD1 1 
ATOM   360 N ND2 . ASN A 1 44 ? 12.896  -3.919  -5.230  1.00 37.32 ? 44  ASN A ND2 1 
ATOM   361 N N   . ASP A 1 45 ? 11.780  -3.253  -1.394  1.00 31.38 ? 45  ASP A N   1 
ATOM   362 C CA  . ASP A 1 45 ? 12.827  -2.620  -0.593  1.00 32.74 ? 45  ASP A CA  1 
ATOM   363 C C   . ASP A 1 45 ? 13.016  -3.264  0.778   1.00 32.93 ? 45  ASP A C   1 
ATOM   364 O O   . ASP A 1 45 ? 14.081  -3.139  1.385   1.00 33.37 ? 45  ASP A O   1 
ATOM   365 C CB  . ASP A 1 45 ? 12.539  -1.124  -0.401  1.00 34.01 ? 45  ASP A CB  1 
ATOM   366 C CG  . ASP A 1 45 ? 12.706  -0.322  -1.679  1.00 36.78 ? 45  ASP A CG  1 
ATOM   367 O OD1 . ASP A 1 45 ? 13.660  -0.595  -2.436  1.00 39.08 ? 45  ASP A OD1 1 
ATOM   368 O OD2 . ASP A 1 45 ? 11.894  0.596   -1.924  1.00 39.48 ? 45  ASP A OD2 1 
ATOM   369 N N   . ASN A 1 46 ? 11.991  -3.954  1.265   1.00 32.82 ? 46  ASN A N   1 
ATOM   370 C CA  . ASN A 1 46 ? 12.061  -4.588  2.577   1.00 32.62 ? 46  ASN A CA  1 
ATOM   371 C C   . ASN A 1 46 ? 11.970  -6.112  2.539   1.00 32.81 ? 46  ASN A C   1 
ATOM   372 O O   . ASN A 1 46 ? 11.642  -6.751  3.542   1.00 32.36 ? 46  ASN A O   1 
ATOM   373 C CB  . ASN A 1 46 ? 10.967  -4.012  3.476   1.00 33.52 ? 46  ASN A CB  1 
ATOM   374 C CG  . ASN A 1 46 ? 11.165  -2.533  3.751   1.00 34.82 ? 46  ASN A CG  1 
ATOM   375 O OD1 . ASN A 1 46 ? 11.848  -2.155  4.704   1.00 36.95 ? 46  ASN A OD1 1 
ATOM   376 N ND2 . ASN A 1 46 ? 10.584  -1.688  2.907   1.00 33.02 ? 46  ASN A ND2 1 
ATOM   377 N N   . GLY A 1 47 ? 12.259  -6.686  1.376   1.00 32.84 ? 47  GLY A N   1 
ATOM   378 C CA  . GLY A 1 47 ? 12.235  -8.130  1.221   1.00 34.55 ? 47  GLY A CA  1 
ATOM   379 C C   . GLY A 1 47 ? 10.944  -8.848  1.573   1.00 35.30 ? 47  GLY A C   1 
ATOM   380 O O   . GLY A 1 47 ? 10.974  -9.922  2.176   1.00 35.67 ? 47  GLY A O   1 
ATOM   381 N N   . VAL A 1 48 ? 9.807   -8.266  1.201   1.00 35.09 ? 48  VAL A N   1 
ATOM   382 C CA  . VAL A 1 48 ? 8.513   -8.891  1.474   1.00 34.75 ? 48  VAL A CA  1 
ATOM   383 C C   . VAL A 1 48 ? 8.124   -9.762  0.284   1.00 34.50 ? 48  VAL A C   1 
ATOM   384 O O   . VAL A 1 48 ? 8.021   -9.273  -0.842  1.00 34.73 ? 48  VAL A O   1 
ATOM   385 C CB  . VAL A 1 48 ? 7.408   -7.837  1.701   1.00 34.13 ? 48  VAL A CB  1 
ATOM   386 C CG1 . VAL A 1 48 ? 6.054   -8.522  1.838   1.00 34.31 ? 48  VAL A CG1 1 
ATOM   387 C CG2 . VAL A 1 48 ? 7.719   -7.021  2.948   1.00 34.10 ? 48  VAL A CG2 1 
ATOM   388 N N   . ASP A 1 49 ? 7.905   -11.048 0.543   1.00 34.47 ? 49  ASP A N   1 
ATOM   389 C CA  . ASP A 1 49 ? 7.546   -12.002 -0.504  1.00 34.31 ? 49  ASP A CA  1 
ATOM   390 C C   . ASP A 1 49 ? 6.143   -12.564 -0.276  1.00 32.19 ? 49  ASP A C   1 
ATOM   391 O O   . ASP A 1 49 ? 5.693   -12.681 0.865   1.00 32.91 ? 49  ASP A O   1 
ATOM   392 C CB  . ASP A 1 49 ? 8.555   -13.156 -0.508  1.00 38.32 ? 49  ASP A CB  1 
ATOM   393 C CG  . ASP A 1 49 ? 8.741   -13.768 -1.883  1.00 41.46 ? 49  ASP A CG  1 
ATOM   394 O OD1 . ASP A 1 49 ? 9.229   -13.052 -2.783  1.00 43.27 ? 49  ASP A OD1 1 
ATOM   395 O OD2 . ASP A 1 49 ? 8.408   -14.961 -2.064  1.00 42.91 ? 49  ASP A OD2 1 
ATOM   396 N N   . GLY A 1 50 ? 5.458   -12.910 -1.362  1.00 29.38 ? 50  GLY A N   1 
ATOM   397 C CA  . GLY A 1 50 ? 4.125   -13.476 -1.240  1.00 27.08 ? 50  GLY A CA  1 
ATOM   398 C C   . GLY A 1 50 ? 3.138   -13.045 -2.308  1.00 25.16 ? 50  GLY A C   1 
ATOM   399 O O   . GLY A 1 50 ? 3.478   -12.285 -3.216  1.00 25.56 ? 50  GLY A O   1 
ATOM   400 N N   . GLU A 1 51 ? 1.909   -13.540 -2.199  1.00 23.39 ? 51  GLU A N   1 
ATOM   401 C CA  . GLU A 1 51 ? 0.851   -13.196 -3.142  1.00 22.80 ? 51  GLU A CA  1 
ATOM   402 C C   . GLU A 1 51 ? -0.061  -12.183 -2.461  1.00 20.16 ? 51  GLU A C   1 
ATOM   403 O O   . GLU A 1 51 ? -0.286  -12.256 -1.252  1.00 21.84 ? 51  GLU A O   1 
ATOM   404 C CB  . GLU A 1 51 ? 0.052   -14.440 -3.535  1.00 24.21 ? 51  GLU A CB  1 
ATOM   405 C CG  . GLU A 1 51 ? 0.855   -15.484 -4.308  1.00 27.97 ? 51  GLU A CG  1 
ATOM   406 C CD  . GLU A 1 51 ? 1.489   -14.928 -5.573  1.00 29.02 ? 51  GLU A CD  1 
ATOM   407 O OE1 . GLU A 1 51 ? 0.763   -14.348 -6.406  1.00 29.01 ? 51  GLU A OE1 1 
ATOM   408 O OE2 . GLU A 1 51 ? 2.716   -15.077 -5.738  1.00 31.14 ? 51  GLU A OE2 1 
ATOM   409 N N   . TRP A 1 52 ? -0.596  -11.242 -3.227  1.00 18.51 ? 52  TRP A N   1 
ATOM   410 C CA  . TRP A 1 52 ? -1.440  -10.227 -2.618  1.00 16.58 ? 52  TRP A CA  1 
ATOM   411 C C   . TRP A 1 52 ? -2.857  -10.133 -3.156  1.00 16.22 ? 52  TRP A C   1 
ATOM   412 O O   . TRP A 1 52 ? -3.174  -10.640 -4.238  1.00 15.00 ? 52  TRP A O   1 
ATOM   413 C CB  . TRP A 1 52 ? -0.772  -8.855  -2.732  1.00 19.21 ? 52  TRP A CB  1 
ATOM   414 C CG  . TRP A 1 52 ? -0.496  -8.416  -4.137  1.00 18.11 ? 52  TRP A CG  1 
ATOM   415 C CD1 . TRP A 1 52 ? 0.557   -8.793  -4.926  1.00 19.54 ? 52  TRP A CD1 1 
ATOM   416 C CD2 . TRP A 1 52 ? -1.283  -7.512  -4.922  1.00 19.42 ? 52  TRP A CD2 1 
ATOM   417 N NE1 . TRP A 1 52 ? 0.474   -8.172  -6.153  1.00 19.53 ? 52  TRP A NE1 1 
ATOM   418 C CE2 . TRP A 1 52 ? -0.649  -7.379  -6.177  1.00 18.41 ? 52  TRP A CE2 1 
ATOM   419 C CE3 . TRP A 1 52 ? -2.467  -6.795  -4.686  1.00 18.11 ? 52  TRP A CE3 1 
ATOM   420 C CZ2 . TRP A 1 52 ? -1.156  -6.563  -7.195  1.00 18.42 ? 52  TRP A CZ2 1 
ATOM   421 C CZ3 . TRP A 1 52 ? -2.972  -5.985  -5.696  1.00 15.72 ? 52  TRP A CZ3 1 
ATOM   422 C CH2 . TRP A 1 52 ? -2.314  -5.876  -6.937  1.00 17.06 ? 52  TRP A CH2 1 
ATOM   423 N N   . THR A 1 53 ? -3.703  -9.479  -2.368  1.00 14.83 ? 53  THR A N   1 
ATOM   424 C CA  . THR A 1 53 ? -5.094  -9.245  -2.714  1.00 13.82 ? 53  THR A CA  1 
ATOM   425 C C   . THR A 1 53 ? -5.385  -7.788  -2.372  1.00 13.77 ? 53  THR A C   1 
ATOM   426 O O   . THR A 1 53 ? -4.623  -7.147  -1.647  1.00 13.37 ? 53  THR A O   1 
ATOM   427 C CB  . THR A 1 53 ? -6.057  -10.141 -1.895  1.00 16.38 ? 53  THR A CB  1 
ATOM   428 O OG1 . THR A 1 53 ? -5.956  -9.809  -0.504  1.00 14.58 ? 53  THR A OG1 1 
ATOM   429 C CG2 . THR A 1 53 ? -5.726  -11.618 -2.098  1.00 15.17 ? 53  THR A CG2 1 
ATOM   430 N N   . TYR A 1 54 ? -6.478  -7.264  -2.907  1.00 11.85 ? 54  TYR A N   1 
ATOM   431 C CA  . TYR A 1 54 ? -6.867  -5.888  -2.642  1.00 11.14 ? 54  TYR A CA  1 
ATOM   432 C C   . TYR A 1 54 ? -8.382  -5.805  -2.435  1.00 10.24 ? 54  TYR A C   1 
ATOM   433 O O   . TYR A 1 54 ? -9.152  -6.418  -3.171  1.00 10.23 ? 54  TYR A O   1 
ATOM   434 C CB  . TYR A 1 54 ? -6.433  -4.982  -3.805  1.00 9.29  ? 54  TYR A CB  1 
ATOM   435 C CG  . TYR A 1 54 ? -6.884  -3.544  -3.647  1.00 10.38 ? 54  TYR A CG  1 
ATOM   436 C CD1 . TYR A 1 54 ? -6.472  -2.780  -2.555  1.00 10.36 ? 54  TYR A CD1 1 
ATOM   437 C CD2 . TYR A 1 54 ? -7.766  -2.965  -4.561  1.00 10.55 ? 54  TYR A CD2 1 
ATOM   438 C CE1 . TYR A 1 54 ? -6.936  -1.469  -2.372  1.00 10.73 ? 54  TYR A CE1 1 
ATOM   439 C CE2 . TYR A 1 54 ? -8.232  -1.652  -4.388  1.00 10.76 ? 54  TYR A CE2 1 
ATOM   440 C CZ  . TYR A 1 54 ? -7.811  -0.917  -3.289  1.00 10.20 ? 54  TYR A CZ  1 
ATOM   441 O OH  . TYR A 1 54 ? -8.281  0.362   -3.103  1.00 12.62 ? 54  TYR A OH  1 
ATOM   442 N N   . ASP A 1 55 ? -8.790  -5.065  -1.409  1.00 10.71 ? 55  ASP A N   1 
ATOM   443 C CA  . ASP A 1 55 ? -10.197 -4.859  -1.071  1.00 13.04 ? 55  ASP A CA  1 
ATOM   444 C C   . ASP A 1 55 ? -10.387 -3.359  -1.234  1.00 13.72 ? 55  ASP A C   1 
ATOM   445 O O   . ASP A 1 55 ? -9.964  -2.590  -0.371  1.00 12.57 ? 55  ASP A O   1 
ATOM   446 C CB  . ASP A 1 55 ? -10.448 -5.251  0.388   1.00 16.71 ? 55  ASP A CB  1 
ATOM   447 C CG  . ASP A 1 55 ? -11.906 -5.150  0.775   1.00 18.24 ? 55  ASP A CG  1 
ATOM   448 O OD1 . ASP A 1 55 ? -12.590 -4.222  0.300   1.00 16.42 ? 55  ASP A OD1 1 
ATOM   449 O OD2 . ASP A 1 55 ? -12.369 -5.996  1.564   1.00 23.86 ? 55  ASP A OD2 1 
ATOM   450 N N   . ASP A 1 56 ? -11.018 -2.938  -2.329  1.00 12.41 ? 56  ASP A N   1 
ATOM   451 C CA  . ASP A 1 56 ? -11.186 -1.511  -2.590  1.00 14.16 ? 56  ASP A CA  1 
ATOM   452 C C   . ASP A 1 56 ? -11.985 -0.707  -1.571  1.00 14.94 ? 56  ASP A C   1 
ATOM   453 O O   . ASP A 1 56 ? -11.570 0.388   -1.193  1.00 13.39 ? 56  ASP A O   1 
ATOM   454 C CB  . ASP A 1 56 ? -11.768 -1.279  -3.983  1.00 13.59 ? 56  ASP A CB  1 
ATOM   455 C CG  . ASP A 1 56 ? -11.769 0.188   -4.365  1.00 15.54 ? 56  ASP A CG  1 
ATOM   456 O OD1 . ASP A 1 56 ? -10.677 0.797   -4.413  1.00 16.89 ? 56  ASP A OD1 1 
ATOM   457 O OD2 . ASP A 1 56 ? -12.860 0.738   -4.605  1.00 16.64 ? 56  ASP A OD2 1 
ATOM   458 N N   . ALA A 1 57 ? -13.125 -1.232  -1.133  1.00 15.32 ? 57  ALA A N   1 
ATOM   459 C CA  . ALA A 1 57 ? -13.939 -0.524  -0.149  1.00 16.58 ? 57  ALA A CA  1 
ATOM   460 C C   . ALA A 1 57 ? -13.098 -0.225  1.090   1.00 15.57 ? 57  ALA A C   1 
ATOM   461 O O   . ALA A 1 57 ? -13.197 0.855   1.679   1.00 15.66 ? 57  ALA A O   1 
ATOM   462 C CB  . ALA A 1 57 ? -15.152 -1.364  0.230   1.00 17.66 ? 57  ALA A CB  1 
ATOM   463 N N   . ALA A 1 58 ? -12.256 -1.183  1.466   1.00 14.54 ? 58  ALA A N   1 
ATOM   464 C CA  . ALA A 1 58 ? -11.392 -1.045  2.633   1.00 14.16 ? 58  ALA A CA  1 
ATOM   465 C C   . ALA A 1 58 ? -10.057 -0.371  2.319   1.00 12.46 ? 58  ALA A C   1 
ATOM   466 O O   . ALA A 1 58 ? -9.285  -0.075  3.232   1.00 14.39 ? 58  ALA A O   1 
ATOM   467 C CB  . ALA A 1 58 ? -11.131 -2.419  3.240   1.00 16.38 ? 58  ALA A CB  1 
ATOM   468 N N   . LYS A 1 59 ? -9.788  -0.137  1.039   1.00 13.14 ? 59  LYS A N   1 
ATOM   469 C CA  . LYS A 1 59 ? -8.525  0.459   0.607   1.00 12.29 ? 59  LYS A CA  1 
ATOM   470 C C   . LYS A 1 59 ? -7.385  -0.294  1.289   1.00 13.07 ? 59  LYS A C   1 
ATOM   471 O O   . LYS A 1 59 ? -6.407  0.295   1.747   1.00 11.61 ? 59  LYS A O   1 
ATOM   472 C CB  . LYS A 1 59 ? -8.489  1.954   0.959   1.00 12.56 ? 59  LYS A CB  1 
ATOM   473 C CG  . LYS A 1 59 ? -9.448  2.799   0.117   1.00 14.86 ? 59  LYS A CG  1 
ATOM   474 C CD  . LYS A 1 59 ? -9.325  4.289   0.438   1.00 18.78 ? 59  LYS A CD  1 
ATOM   475 C CE  . LYS A 1 59 ? -10.279 5.130   -0.405  1.00 20.09 ? 59  LYS A CE  1 
ATOM   476 N NZ  . LYS A 1 59 ? -9.991  5.033   -1.864  1.00 24.87 ? 59  LYS A NZ  1 
ATOM   477 N N   . THR A 1 60 ? -7.522  -1.617  1.341   1.00 12.22 ? 60  THR A N   1 
ATOM   478 C CA  . THR A 1 60 ? -6.528  -2.459  1.983   1.00 11.71 ? 60  THR A CA  1 
ATOM   479 C C   . THR A 1 60 ? -5.972  -3.571  1.094   1.00 11.94 ? 60  THR A C   1 
ATOM   480 O O   . THR A 1 60 ? -6.730  -4.303  0.443   1.00 9.61  ? 60  THR A O   1 
ATOM   481 C CB  . THR A 1 60 ? -7.117  -3.119  3.259   1.00 14.77 ? 60  THR A CB  1 
ATOM   482 O OG1 . THR A 1 60 ? -7.479  -2.106  4.208   1.00 15.12 ? 60  THR A OG1 1 
ATOM   483 C CG2 . THR A 1 60 ? -6.107  -4.059  3.892   1.00 15.04 ? 60  THR A CG2 1 
ATOM   484 N N   . PHE A 1 61 ? -4.645  -3.679  1.076   1.00 11.90 ? 61  PHE A N   1 
ATOM   485 C CA  . PHE A 1 61 ? -3.935  -4.724  0.337   1.00 11.73 ? 61  PHE A CA  1 
ATOM   486 C C   . PHE A 1 61 ? -3.474  -5.722  1.392   1.00 14.58 ? 61  PHE A C   1 
ATOM   487 O O   . PHE A 1 61 ? -3.083  -5.330  2.494   1.00 13.12 ? 61  PHE A O   1 
ATOM   488 C CB  . PHE A 1 61 ? -2.670  -4.203  -0.351  1.00 10.06 ? 61  PHE A CB  1 
ATOM   489 C CG  . PHE A 1 61 ? -2.913  -3.171  -1.411  1.00 9.44  ? 61  PHE A CG  1 
ATOM   490 C CD1 . PHE A 1 61 ? -3.125  -1.839  -1.074  1.00 9.87  ? 61  PHE A CD1 1 
ATOM   491 C CD2 . PHE A 1 61 ? -2.869  -3.525  -2.756  1.00 11.01 ? 61  PHE A CD2 1 
ATOM   492 C CE1 . PHE A 1 61 ? -3.285  -0.870  -2.064  1.00 9.17  ? 61  PHE A CE1 1 
ATOM   493 C CE2 . PHE A 1 61 ? -3.028  -2.570  -3.753  1.00 10.18 ? 61  PHE A CE2 1 
ATOM   494 C CZ  . PHE A 1 61 ? -3.235  -1.238  -3.408  1.00 10.87 ? 61  PHE A CZ  1 
ATOM   495 N N   . THR A 1 62 ? -3.505  -7.005  1.055   1.00 17.14 ? 62  THR A N   1 
ATOM   496 C CA  . THR A 1 62 ? -3.058  -8.033  1.987   1.00 19.64 ? 62  THR A CA  1 
ATOM   497 C C   . THR A 1 62 ? -2.081  -8.937  1.254   1.00 22.68 ? 62  THR A C   1 
ATOM   498 O O   . THR A 1 62 ? -2.341  -9.354  0.126   1.00 23.89 ? 62  THR A O   1 
ATOM   499 C CB  . THR A 1 62 ? -4.234  -8.904  2.494   1.00 18.70 ? 62  THR A CB  1 
ATOM   500 O OG1 . THR A 1 62 ? -5.212  -8.073  3.126   1.00 17.96 ? 62  THR A OG1 1 
ATOM   501 C CG2 . THR A 1 62 ? -3.740  -9.940  3.500   1.00 21.61 ? 62  THR A CG2 1 
ATOM   502 N N   . VAL A 1 63 ? -0.950  -9.226  1.885   1.00 24.39 ? 63  VAL A N   1 
ATOM   503 C CA  . VAL A 1 63 ? 0.044   -10.108 1.286   1.00 28.13 ? 63  VAL A CA  1 
ATOM   504 C C   . VAL A 1 63 ? 0.093   -11.366 2.138   1.00 31.42 ? 63  VAL A C   1 
ATOM   505 O O   . VAL A 1 63 ? 0.278   -11.281 3.350   1.00 32.15 ? 63  VAL A O   1 
ATOM   506 C CB  . VAL A 1 63 ? 1.438   -9.471  1.289   1.00 27.85 ? 63  VAL A CB  1 
ATOM   507 C CG1 . VAL A 1 63 ? 2.473   -10.468 0.804   1.00 30.05 ? 63  VAL A CG1 1 
ATOM   508 C CG2 . VAL A 1 63 ? 1.445   -8.237  0.416   1.00 29.53 ? 63  VAL A CG2 1 
ATOM   509 N N   . THR A 1 64 ? -0.067  -12.532 1.526   1.00 33.85 ? 64  THR A N   1 
ATOM   510 C CA  . THR A 1 64 ? -0.036  -13.762 2.300   1.00 36.42 ? 64  THR A CA  1 
ATOM   511 C C   . THR A 1 64 ? 1.125   -14.643 1.843   1.00 37.79 ? 64  THR A C   1 
ATOM   512 O O   . THR A 1 64 ? 1.739   -14.388 0.796   1.00 36.35 ? 64  THR A O   1 
ATOM   513 C CB  . THR A 1 64 ? -1.440  -14.429 2.239   1.00 36.15 ? 64  THR A CB  1 
ATOM   514 O OG1 . THR A 1 64 ? -1.935  -14.620 3.573   1.00 39.21 ? 64  THR A OG1 1 
ATOM   515 C CG2 . THR A 1 64 ? -1.426  -15.721 1.456   1.00 36.96 ? 64  THR A CG2 1 
ATOM   516 N N   . GLU A 1 65 ? 1.485   -15.622 2.669   1.00 39.74 ? 65  GLU A N   1 
ATOM   517 C CA  . GLU A 1 65 ? 2.633   -16.462 2.346   1.00 42.28 ? 65  GLU A CA  1 
ATOM   518 C C   . GLU A 1 65 ? 3.793   -15.499 2.128   1.00 43.55 ? 65  GLU A C   1 
ATOM   519 O O   . GLU A 1 65 ? 3.653   -14.347 2.609   1.00 44.45 ? 65  GLU A O   1 
ATOM   520 C CB  . GLU A 1 65 ? 2.367   -17.274 1.096   1.00 41.37 ? 65  GLU A CB  1 
ATOM   521 O OXT . GLU A 1 65 ? 4.809   -15.895 1.515   1.00 46.55 ? 65  GLU A OXT 1 
HETATM 522 O O   . HOH B 2 .  ? -0.227  10.185  -4.855  1.00 15.69 ? 66  HOH A O   1 
HETATM 523 O O   . HOH B 2 .  ? -7.538  7.499   -3.552  1.00 16.57 ? 67  HOH A O   1 
HETATM 524 O O   . HOH B 2 .  ? -0.013  0.102   -10.065 1.00 19.82 ? 68  HOH A O   1 
HETATM 525 O O   . HOH B 2 .  ? -4.441  -1.992  -9.689  0.49 15.48 ? 69  HOH A O   1 
HETATM 526 O O   . HOH B 2 .  ? -0.273  -3.303  -11.981 1.00 13.42 ? 70  HOH A O   1 
HETATM 527 O O   . HOH B 2 .  ? -14.308 -3.867  -1.761  1.00 18.21 ? 71  HOH A O   1 
HETATM 528 O O   . HOH B 2 .  ? -9.692  11.056  -3.170  1.00 20.65 ? 72  HOH A O   1 
HETATM 529 O O   . HOH B 2 .  ? -6.136  16.574  -6.831  1.00 19.81 ? 73  HOH A O   1 
HETATM 530 O O   . HOH B 2 .  ? 0.466   -11.884 -6.142  1.00 16.96 ? 74  HOH A O   1 
HETATM 531 O O   . HOH B 2 .  ? -8.619  4.048   -6.840  1.00 17.35 ? 75  HOH A O   1 
HETATM 532 O O   . HOH B 2 .  ? -11.216 2.528   4.007   1.00 23.16 ? 76  HOH A O   1 
HETATM 533 O O   . HOH B 2 .  ? 0.454   25.659  0.442   1.00 36.85 ? 77  HOH A O   1 
HETATM 534 O O   . HOH B 2 .  ? -7.088  -6.824  1.671   1.00 21.73 ? 78  HOH A O   1 
HETATM 535 O O   . HOH B 2 .  ? -13.575 3.208   0.523   1.00 30.53 ? 79  HOH A O   1 
HETATM 536 O O   . HOH B 2 .  ? -7.540  11.206  -5.090  1.00 23.09 ? 80  HOH A O   1 
HETATM 537 O O   . HOH B 2 .  ? 10.279  1.862   -0.402  1.00 37.08 ? 81  HOH A O   1 
HETATM 538 O O   . HOH B 2 .  ? -2.221  16.913  -0.678  1.00 38.20 ? 82  HOH A O   1 
HETATM 539 O O   . HOH B 2 .  ? 7.729   2.464   -1.281  1.00 28.07 ? 83  HOH A O   1 
HETATM 540 O O   . HOH B 2 .  ? 3.147   -10.941 -6.488  1.00 32.39 ? 84  HOH A O   1 
HETATM 541 O O   . HOH B 2 .  ? -10.290 3.450   -4.150  1.00 33.04 ? 85  HOH A O   1 
HETATM 542 O O   . HOH B 2 .  ? -0.166  34.147  -9.657  1.00 43.03 ? 86  HOH A O   1 
HETATM 543 O O   . HOH B 2 .  ? -12.234 2.824   -1.861  1.00 24.75 ? 87  HOH A O   1 
HETATM 544 O O   . HOH B 2 .  ? 8.372   -12.420 2.969   1.00 46.73 ? 88  HOH A O   1 
HETATM 545 O O   . HOH B 2 .  ? 11.165  1.359   2.107   1.00 34.19 ? 89  HOH A O   1 
HETATM 546 O O   . HOH B 2 .  ? -7.123  2.446   4.228   1.00 24.39 ? 90  HOH A O   1 
HETATM 547 O O   . HOH B 2 .  ? -11.641 7.286   -2.603  1.00 27.36 ? 91  HOH A O   1 
HETATM 548 O O   . HOH B 2 .  ? -9.460  6.672   -5.624  1.00 35.38 ? 92  HOH A O   1 
HETATM 549 O O   . HOH B 2 .  ? -5.606  13.962  -7.059  1.00 32.93 ? 93  HOH A O   1 
HETATM 550 O O   . HOH B 2 .  ? 5.366   24.749  -5.335  1.00 40.95 ? 94  HOH A O   1 
HETATM 551 O O   . HOH B 2 .  ? 5.164   -11.910 3.951   1.00 43.69 ? 95  HOH A O   1 
HETATM 552 O O   . HOH B 2 .  ? 3.774   -12.774 -8.412  1.00 47.10 ? 96  HOH A O   1 
HETATM 553 O O   . HOH B 2 .  ? 3.537   4.049   -14.436 1.00 37.98 ? 97  HOH A O   1 
HETATM 554 O O   . HOH B 2 .  ? 5.085   1.950   -13.495 0.50 23.36 ? 98  HOH A O   1 
HETATM 555 O O   . HOH B 2 .  ? 14.966  -7.058  4.256   1.00 52.15 ? 99  HOH A O   1 
HETATM 556 O O   . HOH B 2 .  ? 2.404   -5.293  -5.171  1.00 32.90 ? 100 HOH A O   1 
HETATM 557 O O   . HOH B 2 .  ? 10.555  5.122   -1.531  1.00 44.51 ? 101 HOH A O   1 
HETATM 558 O O   . HOH B 2 .  ? 8.743   -13.058 16.147  1.00 38.03 ? 102 HOH A O   1 
HETATM 559 O O   . HOH B 2 .  ? 0.721   -5.433  -2.007  1.00 24.80 ? 103 HOH A O   1 
HETATM 560 O O   . HOH B 2 .  ? 3.013   11.958  3.247   1.00 39.70 ? 104 HOH A O   1 
HETATM 561 O O   . HOH B 2 .  ? -8.559  -8.803  -0.352  0.50 41.62 ? 105 HOH A O   1 
HETATM 562 O O   . HOH B 2 .  ? -6.595  -8.937  5.282   1.00 34.32 ? 106 HOH A O   1 
HETATM 563 O O   . HOH B 2 .  ? -7.956  12.705  -7.551  1.00 50.56 ? 107 HOH A O   1 
HETATM 564 O O   . HOH B 2 .  ? 3.848   17.336  -0.287  1.00 36.28 ? 108 HOH A O   1 
HETATM 565 O O   . HOH B 2 .  ? -10.014 14.321  -7.122  1.00 37.45 ? 109 HOH A O   1 
HETATM 566 O O   . HOH B 2 .  ? -3.657  -14.801 -2.244  1.00 28.32 ? 110 HOH A O   1 
HETATM 567 O O   . HOH B 2 .  ? 3.188   19.436  1.042   1.00 48.80 ? 111 HOH A O   1 
HETATM 568 O O   . HOH B 2 .  ? -3.013  -12.298 0.072   1.00 42.22 ? 112 HOH A O   1 
HETATM 569 O O   . HOH B 2 .  ? 3.724   -1.638  -9.596  1.00 44.92 ? 113 HOH A O   1 
HETATM 570 O O   . HOH B 2 .  ? 8.570   -3.576  7.114   1.00 50.69 ? 114 HOH A O   1 
HETATM 571 O O   . HOH B 2 .  ? 2.455   -2.236  -11.879 1.00 52.15 ? 115 HOH A O   1 
HETATM 572 O O   . HOH B 2 .  ? 9.539   -5.725  6.126   1.00 38.33 ? 116 HOH A O   1 
HETATM 573 O O   . HOH B 2 .  ? 1.046   4.046   -14.673 1.00 45.50 ? 117 HOH A O   1 
HETATM 574 O O   . HOH B 2 .  ? -5.425  -12.230 1.245   1.00 30.20 ? 118 HOH A O   1 
HETATM 575 O O   . HOH B 2 .  ? 4.669   21.427  -1.089  1.00 54.59 ? 119 HOH A O   1 
HETATM 576 O O   . HOH B 2 .  ? 8.725   -17.640 -3.655  1.00 48.38 ? 120 HOH A O   1 
HETATM 577 O O   . HOH B 2 .  ? 4.924   -16.047 -4.007  1.00 50.24 ? 121 HOH A O   1 
HETATM 578 O O   . HOH B 2 .  ? 4.381   32.465  -13.853 1.00 53.06 ? 122 HOH A O   1 
HETATM 579 O O   . HOH B 2 .  ? 2.489   35.678  -6.479  1.00 58.33 ? 123 HOH A O   1 
HETATM 580 O O   . HOH B 2 .  ? 2.581   -8.239  -8.019  1.00 46.70 ? 124 HOH A O   1 
HETATM 581 O O   . HOH B 2 .  ? 15.607  -5.078  -4.951  1.00 44.01 ? 125 HOH A O   1 
HETATM 582 O O   . HOH B 2 .  ? -14.526 -0.874  4.281   1.00 28.70 ? 126 HOH A O   1 
HETATM 583 O O   . HOH B 2 .  ? -10.299 2.138   -6.924  1.00 48.42 ? 127 HOH A O   1 
HETATM 584 O O   . HOH B 2 .  ? 8.223   -15.345 -4.933  1.00 43.40 ? 128 HOH A O   1 
HETATM 585 O O   . HOH B 2 .  ? 15.533  -6.903  -1.112  1.00 39.43 ? 129 HOH A O   1 
HETATM 586 O O   . HOH B 2 .  ? 14.085  -7.363  -6.526  1.00 44.26 ? 130 HOH A O   1 
HETATM 587 O O   . HOH B 2 .  ? 7.211   -15.487 3.350   1.00 58.17 ? 131 HOH A O   1 
HETATM 588 O O   . HOH B 2 .  ? 8.687   -9.613  13.158  1.00 41.78 ? 132 HOH A O   1 
HETATM 589 O O   . HOH B 2 .  ? 7.351   -11.600 11.022  1.00 38.71 ? 133 HOH A O   1 
HETATM 590 O O   . HOH B 2 .  ? 8.816   -12.413 -5.843  1.00 49.65 ? 134 HOH A O   1 
HETATM 591 O O   . HOH B 2 .  ? 0.919   33.496  -6.900  1.00 44.63 ? 135 HOH A O   1 
HETATM 592 O O   . HOH B 2 .  ? 15.310  -1.326  3.550   1.00 47.81 ? 136 HOH A O   1 
HETATM 593 O O   . HOH B 2 .  ? 16.744  -3.421  1.407   0.50 32.75 ? 137 HOH A O   1 
HETATM 594 O O   . HOH B 2 .  ? 11.983  -4.258  7.730   1.00 58.71 ? 138 HOH A O   1 
HETATM 595 O O   . HOH B 2 .  ? 13.587  -1.414  6.669   1.00 48.01 ? 139 HOH A O   1 
HETATM 596 O O   . HOH B 2 .  ? 0.028   6.234   -11.202 0.49 20.72 ? 140 HOH A O   1 
HETATM 597 O O   . HOH B 2 .  ? 5.613   -9.368  -3.820  1.00 54.47 ? 141 HOH A O   1 
HETATM 598 O O   . HOH B 2 .  ? 4.650   21.269  3.043   0.50 53.93 ? 142 HOH A O   1 
HETATM 599 O O   . HOH B 2 .  ? -14.566 -7.405  1.442   1.00 47.31 ? 143 HOH A O   1 
HETATM 600 O O   . HOH B 2 .  ? -10.979 -9.064  -0.150  1.00 54.50 ? 144 HOH A O   1 
HETATM 601 O O   . HOH B 2 .  ? -9.216  -6.547  4.211   1.00 49.59 ? 145 HOH A O   1 
HETATM 602 O O   . HOH B 2 .  ? 3.873   25.098  -1.857  1.00 42.04 ? 146 HOH A O   1 
HETATM 603 O O   . HOH B 2 .  ? -7.272  8.265   -10.457 1.00 34.89 ? 147 HOH A O   1 
HETATM 604 O O   . HOH B 2 .  ? -1.832  -17.651 4.289   1.00 51.93 ? 148 HOH A O   1 
HETATM 605 O O   . HOH B 2 .  ? 16.013  -2.054  -2.481  1.00 52.38 ? 149 HOH A O   1 
HETATM 606 O O   . HOH B 2 .  ? 7.494   -10.252 19.765  0.50 33.39 ? 150 HOH A O   1 
HETATM 607 O O   . HOH B 2 .  ? 11.246  -14.257 -5.066  0.50 42.39 ? 151 HOH A O   1 
HETATM 608 O O   . HOH B 2 .  ? -6.096  4.087   6.090   1.00 48.80 ? 152 HOH A O   1 
# 
